data_7E99
#
_entry.id   7E99
#
_cell.length_a   110.925
_cell.length_b   110.925
_cell.length_c   271.047
_cell.angle_alpha   90.000
_cell.angle_beta   90.000
_cell.angle_gamma   120.000
#
_symmetry.space_group_name_H-M   'H 3 2'
#
loop_
_entity.id
_entity.type
_entity.pdbx_description
1 polymer 'Extracellular giant hemoglobin major globin subunit A1'
2 polymer 'Extracellular giant hemoglobin major globin subunit A2'
3 polymer 'Extracellular giant hemoglobin major globin subunit B2'
4 polymer 'Giant hemoglobin B1b globin chain'
5 non-polymer 'PROTOPORPHYRIN IX CONTAINING FE'
6 non-polymer 'OXYGEN MOLECULE'
7 water water
#
loop_
_entity_poly.entity_id
_entity_poly.type
_entity_poly.pdbx_seq_one_letter_code
_entity_poly.pdbx_strand_id
1 'polypeptide(L)'
;VCNRLEQILVKTQWAQSYGEAENRAAFSRDLFSELFNIQGSSRALFSGVGVDDMNSAAFTAHCLRVTGALNRLISQLDQQ
ATINADLAHLAGQHASRNLDASNFAAMGQAVMSVVPTHLDCFNQHAWGECYERIASGISG
;
A
2 'polypeptide(L)'
;DCTSLNRLLVKRQWAEAYGEGTNRELLGNRIWEDLFANMPDARGLFSRVNGNDIDSSEFQAHSLRVLGGLDMCVASLDDV
PVLNALLARLNSQHDSRGIPAAGYPAFVASAISAVRATVGARSFDNDAWNSCMNQIVSGISG
;
B
3 'polypeptide(L)'
;SSCCSSEDRANVMHNWDAAWSAAYSDRRVALAQAVFASLFSRDAAAQGLFSGVSADNPDSADFRAHCVRVVNGLDVAINM
LNDPAVLNEQLAHLSAQHQARAGVAAAHFDVMAEAFAEVMPQVSSCFSSDSWNRCFARIANGISAGL
;
C
4 'polypeptide(L)'
;ECCSRGDAEVVISEWDQVFNAAMAGSSESAIGVAIFDVFFTSSGVSPSMFPGGGDSSSAEFLAQVSRVISGADIAINSLT
NRATCDSLLSHLNAQHKAISGVTGAAVTHLSEAISSVVAQVLPSAHIDAWGYCMAYIAAGIGAGL
;
D
#
loop_
_chem_comp.id
_chem_comp.type
_chem_comp.name
_chem_comp.formula
HEM non-polymer 'PROTOPORPHYRIN IX CONTAINING FE' 'C34 H32 Fe N4 O4'
OXY non-polymer 'OXYGEN MOLECULE' O2
#
# COMPACT_ATOMS: atom_id res chain seq x y z
N VAL A 1 -4.56 19.84 7.96
CA VAL A 1 -3.59 19.14 8.79
C VAL A 1 -3.46 17.70 8.34
N CYS A 2 -2.22 17.29 8.04
CA CYS A 2 -1.88 15.93 7.62
C CYS A 2 -2.47 15.61 6.26
N ASN A 3 -1.79 16.04 5.19
CA ASN A 3 -2.29 15.87 3.83
C ASN A 3 -1.93 14.49 3.29
N ARG A 4 -2.51 14.17 2.11
CA ARG A 4 -2.36 12.85 1.52
C ARG A 4 -0.90 12.44 1.37
N LEU A 5 -0.01 13.40 1.09
CA LEU A 5 1.40 13.08 0.95
C LEU A 5 2.02 12.77 2.31
N GLU A 6 1.72 13.59 3.32
CA GLU A 6 2.24 13.36 4.66
C GLU A 6 1.72 12.06 5.25
N GLN A 7 0.48 11.69 4.92
CA GLN A 7 -0.07 10.43 5.41
C GLN A 7 0.76 9.24 4.96
N ILE A 8 1.17 9.23 3.68
CA ILE A 8 1.98 8.13 3.17
C ILE A 8 3.30 8.06 3.92
N LEU A 9 3.95 9.21 4.11
CA LEU A 9 5.23 9.23 4.81
C LEU A 9 5.08 8.74 6.25
N VAL A 10 4.04 9.19 6.94
CA VAL A 10 3.85 8.78 8.34
C VAL A 10 3.50 7.30 8.43
N LYS A 11 2.63 6.83 7.53
CA LYS A 11 2.29 5.41 7.50
C LYS A 11 3.53 4.56 7.24
N THR A 12 4.41 5.03 6.36
CA THR A 12 5.63 4.30 6.04
C THR A 12 6.58 4.26 7.25
N GLN A 13 6.77 5.41 7.90
CA GLN A 13 7.72 5.44 9.01
C GLN A 13 7.14 4.76 10.25
N TRP A 14 5.83 4.84 10.45
CA TRP A 14 5.24 4.14 11.59
C TRP A 14 5.40 2.64 11.46
N ALA A 15 5.00 2.07 10.31
CA ALA A 15 5.08 0.63 10.15
C ALA A 15 6.51 0.12 10.35
N GLN A 16 7.49 0.87 9.86
CA GLN A 16 8.88 0.49 10.02
C GLN A 16 9.34 0.62 11.47
N SER A 17 8.90 1.68 12.17
CA SER A 17 9.34 1.90 13.54
C SER A 17 8.64 0.94 14.50
N TYR A 18 7.33 0.76 14.34
CA TYR A 18 6.54 -0.06 15.23
C TYR A 18 6.93 -1.54 15.14
N GLY A 19 7.28 -2.01 13.94
CA GLY A 19 7.79 -3.36 13.79
C GLY A 19 6.73 -4.45 13.94
N GLU A 20 7.21 -5.64 14.31
CA GLU A 20 6.38 -6.83 14.40
C GLU A 20 6.68 -7.60 15.66
N ALA A 21 5.72 -8.43 16.07
CA ALA A 21 5.90 -9.47 17.09
C ALA A 21 6.33 -8.80 18.41
N GLU A 22 7.35 -9.31 19.09
CA GLU A 22 7.74 -8.75 20.38
C GLU A 22 8.33 -7.36 20.27
N ASN A 23 8.86 -6.98 19.10
CA ASN A 23 9.37 -5.62 18.93
C ASN A 23 8.27 -4.59 19.16
N ARG A 24 7.01 -4.95 18.86
CA ARG A 24 5.91 -4.04 19.17
C ARG A 24 5.76 -3.86 20.67
N ALA A 25 5.92 -4.95 21.44
CA ALA A 25 5.78 -4.86 22.89
C ALA A 25 6.88 -4.02 23.51
N ALA A 26 8.13 -4.22 23.07
CA ALA A 26 9.22 -3.38 23.55
C ALA A 26 8.99 -1.93 23.16
N PHE A 27 8.57 -1.69 21.91
CA PHE A 27 8.25 -0.35 21.47
C PHE A 27 7.17 0.28 22.34
N SER A 28 6.13 -0.49 22.65
CA SER A 28 4.97 0.05 23.36
C SER A 28 5.32 0.39 24.82
N ARG A 29 6.16 -0.45 25.45
CA ARG A 29 6.61 -0.13 26.79
C ARG A 29 7.51 1.10 26.79
N ASP A 30 8.42 1.19 25.81
CA ASP A 30 9.27 2.37 25.71
C ASP A 30 8.45 3.64 25.53
N LEU A 31 7.35 3.56 24.76
CA LEU A 31 6.52 4.73 24.55
C LEU A 31 5.98 5.26 25.87
N PHE A 32 5.43 4.37 26.70
CA PHE A 32 4.87 4.80 27.97
C PHE A 32 5.94 5.12 29.00
N SER A 33 7.11 4.47 28.91
CA SER A 33 8.24 4.89 29.73
C SER A 33 8.62 6.32 29.44
N GLU A 34 8.65 6.71 28.17
CA GLU A 34 8.94 8.11 27.82
C GLU A 34 7.81 9.02 28.28
N LEU A 35 6.55 8.58 28.14
CA LEU A 35 5.43 9.36 28.63
C LEU A 35 5.59 9.67 30.12
N PHE A 36 5.91 8.64 30.91
CA PHE A 36 6.04 8.84 32.35
C PHE A 36 7.24 9.72 32.68
N ASN A 37 8.33 9.58 31.91
CA ASN A 37 9.50 10.43 32.11
C ASN A 37 9.22 11.89 31.80
N ILE A 38 8.31 12.14 30.85
CA ILE A 38 7.98 13.50 30.44
C ILE A 38 6.91 14.11 31.35
N GLN A 39 5.90 13.34 31.73
CA GLN A 39 4.84 13.83 32.61
C GLN A 39 4.60 12.79 33.69
N GLY A 40 5.24 12.98 34.84
CA GLY A 40 5.16 12.00 35.91
C GLY A 40 3.75 11.83 36.44
N SER A 41 2.94 12.89 36.38
CA SER A 41 1.57 12.81 36.86
C SER A 41 0.71 11.86 36.03
N SER A 42 1.14 11.51 34.81
CA SER A 42 0.38 10.60 33.96
C SER A 42 0.46 9.15 34.42
N ARG A 43 1.49 8.77 35.18
CA ARG A 43 1.66 7.36 35.52
C ARG A 43 0.49 6.84 36.35
N ALA A 44 0.02 7.64 37.32
CA ALA A 44 -1.08 7.21 38.18
C ALA A 44 -2.38 6.96 37.41
N LEU A 45 -2.56 7.59 36.25
CA LEU A 45 -3.76 7.36 35.45
C LEU A 45 -3.88 5.91 35.00
N PHE A 46 -2.79 5.14 35.06
CA PHE A 46 -2.76 3.77 34.58
C PHE A 46 -2.65 2.76 35.72
N SER A 47 -3.08 3.14 36.93
CA SER A 47 -3.04 2.23 38.06
C SER A 47 -3.94 1.01 37.87
N GLY A 48 -4.94 1.10 37.00
CA GLY A 48 -5.82 -0.02 36.74
C GLY A 48 -5.27 -1.09 35.82
N VAL A 49 -4.08 -0.89 35.27
CA VAL A 49 -3.51 -1.86 34.34
C VAL A 49 -2.07 -2.20 34.73
N GLY A 50 -1.81 -2.34 36.03
CA GLY A 50 -0.54 -2.86 36.49
C GLY A 50 0.67 -1.99 36.20
N VAL A 51 0.49 -0.67 36.22
CA VAL A 51 1.60 0.24 35.97
C VAL A 51 2.68 0.13 37.05
N ASP A 52 2.37 -0.49 38.19
CA ASP A 52 3.38 -0.68 39.23
C ASP A 52 4.56 -1.50 38.73
N ASP A 53 4.33 -2.39 37.77
CA ASP A 53 5.38 -3.16 37.14
C ASP A 53 5.16 -3.05 35.63
N MET A 54 6.00 -2.27 34.95
CA MET A 54 5.80 -2.00 33.55
C MET A 54 6.17 -3.17 32.65
N ASN A 55 6.87 -4.18 33.17
CA ASN A 55 7.14 -5.39 32.41
C ASN A 55 6.08 -6.45 32.61
N SER A 56 5.08 -6.19 33.46
CA SER A 56 4.04 -7.16 33.70
C SER A 56 3.22 -7.40 32.43
N ALA A 57 2.60 -8.58 32.36
CA ALA A 57 1.74 -8.88 31.22
C ALA A 57 0.59 -7.88 31.13
N ALA A 58 0.03 -7.48 32.28
CA ALA A 58 -1.12 -6.60 32.28
C ALA A 58 -0.78 -5.22 31.70
N PHE A 59 0.36 -4.65 32.10
CA PHE A 59 0.70 -3.33 31.60
C PHE A 59 1.22 -3.39 30.17
N THR A 60 1.94 -4.45 29.81
CA THR A 60 2.34 -4.63 28.41
C THR A 60 1.11 -4.75 27.51
N ALA A 61 0.07 -5.45 27.98
CA ALA A 61 -1.15 -5.58 27.20
C ALA A 61 -1.83 -4.23 27.00
N HIS A 62 -1.83 -3.37 28.03
CA HIS A 62 -2.40 -2.05 27.86
C HIS A 62 -1.59 -1.21 26.88
N CYS A 63 -0.25 -1.31 26.95
CA CYS A 63 0.58 -0.54 26.04
C CYS A 63 0.36 -0.98 24.61
N LEU A 64 0.13 -2.27 24.39
CA LEU A 64 -0.12 -2.77 23.05
C LEU A 64 -1.49 -2.34 22.54
N ARG A 65 -2.50 -2.34 23.41
CA ARG A 65 -3.82 -1.87 23.01
C ARG A 65 -3.77 -0.42 22.56
N VAL A 66 -2.92 0.38 23.19
CA VAL A 66 -2.81 1.80 22.85
C VAL A 66 -2.06 1.99 21.54
N THR A 67 -0.90 1.36 21.41
CA THR A 67 -0.15 1.45 20.16
C THR A 67 -0.84 0.70 19.02
N GLY A 68 -1.58 -0.36 19.35
CA GLY A 68 -2.38 -1.03 18.34
C GLY A 68 -3.49 -0.13 17.82
N ALA A 69 -4.06 0.69 18.70
CA ALA A 69 -5.03 1.69 18.25
C ALA A 69 -4.36 2.75 17.39
N LEU A 70 -3.22 3.27 17.85
CA LEU A 70 -2.42 4.15 17.00
C LEU A 70 -2.12 3.49 15.66
N ASN A 71 -1.84 2.19 15.69
CA ASN A 71 -1.52 1.46 14.47
C ASN A 71 -2.73 1.42 13.53
N ARG A 72 -3.91 1.14 14.08
CA ARG A 72 -5.10 1.06 13.23
C ARG A 72 -5.54 2.43 12.75
N LEU A 73 -5.24 3.49 13.50
CA LEU A 73 -5.60 4.84 13.05
C LEU A 73 -4.69 5.30 11.92
N ILE A 74 -3.39 5.09 12.07
CA ILE A 74 -2.44 5.43 11.01
C ILE A 74 -2.74 4.62 9.76
N SER A 75 -3.18 3.37 9.92
CA SER A 75 -3.52 2.56 8.74
C SER A 75 -4.66 3.18 7.95
N GLN A 76 -5.60 3.84 8.63
CA GLN A 76 -6.74 4.45 7.97
C GLN A 76 -6.58 5.95 7.80
N LEU A 77 -5.35 6.46 7.90
CA LEU A 77 -5.12 7.90 7.73
C LEU A 77 -5.58 8.39 6.37
N ASP A 78 -5.53 7.54 5.35
CA ASP A 78 -5.87 7.91 3.99
C ASP A 78 -7.33 7.68 3.65
N GLN A 79 -8.13 7.19 4.61
CA GLN A 79 -9.57 7.01 4.44
C GLN A 79 -10.24 7.91 5.47
N GLN A 80 -10.45 9.18 5.07
CA GLN A 80 -10.82 10.21 6.02
C GLN A 80 -12.09 9.87 6.80
N ALA A 81 -13.11 9.36 6.10
CA ALA A 81 -14.37 9.06 6.79
C ALA A 81 -14.22 7.91 7.76
N THR A 82 -13.36 6.93 7.46
CA THR A 82 -13.19 5.78 8.35
C THR A 82 -12.50 6.20 9.64
N ILE A 83 -11.40 6.92 9.53
CA ILE A 83 -10.65 7.32 10.72
C ILE A 83 -11.44 8.34 11.54
N ASN A 84 -12.20 9.22 10.88
CA ASN A 84 -13.03 10.15 11.64
C ASN A 84 -14.03 9.39 12.51
N ALA A 85 -14.63 8.33 11.97
CA ALA A 85 -15.56 7.53 12.77
C ALA A 85 -14.84 6.85 13.92
N ASP A 86 -13.64 6.32 13.65
CA ASP A 86 -12.89 5.62 14.69
C ASP A 86 -12.40 6.58 15.77
N LEU A 87 -11.91 7.76 15.37
CA LEU A 87 -11.47 8.75 16.35
C LEU A 87 -12.61 9.19 17.24
N ALA A 88 -13.81 9.36 16.66
CA ALA A 88 -14.98 9.68 17.47
C ALA A 88 -15.26 8.58 18.48
N HIS A 89 -15.11 7.32 18.07
CA HIS A 89 -15.28 6.21 18.99
C HIS A 89 -14.28 6.29 20.14
N LEU A 90 -13.02 6.58 19.81
CA LEU A 90 -11.99 6.70 20.84
C LEU A 90 -12.25 7.90 21.75
N ALA A 91 -12.71 9.01 21.18
CA ALA A 91 -13.00 10.18 21.99
C ALA A 91 -14.07 9.87 23.03
N GLY A 92 -15.13 9.17 22.62
CA GLY A 92 -16.14 8.76 23.57
C GLY A 92 -15.63 7.86 24.67
N GLN A 93 -14.61 7.05 24.36
CA GLN A 93 -14.03 6.18 25.39
C GLN A 93 -13.18 6.98 26.37
N HIS A 94 -12.46 7.99 25.89
CA HIS A 94 -11.57 8.77 26.72
C HIS A 94 -12.26 9.91 27.46
N ALA A 95 -13.52 10.20 27.14
CA ALA A 95 -14.20 11.36 27.72
C ALA A 95 -14.31 11.27 29.22
N SER A 96 -14.42 10.06 29.77
CA SER A 96 -14.65 9.89 31.20
C SER A 96 -13.37 9.71 32.00
N ARG A 97 -12.20 9.75 31.36
CA ARG A 97 -10.96 9.37 32.00
C ARG A 97 -10.20 10.55 32.61
N ASN A 98 -10.83 11.72 32.72
CA ASN A 98 -10.24 12.87 33.42
C ASN A 98 -8.89 13.25 32.84
N LEU A 99 -8.80 13.28 31.51
CA LEU A 99 -7.59 13.67 30.82
C LEU A 99 -7.69 15.12 30.39
N ASP A 100 -6.53 15.76 30.27
CA ASP A 100 -6.47 17.16 29.83
C ASP A 100 -5.58 17.26 28.60
N ALA A 101 -5.34 18.51 28.16
CA ALA A 101 -4.57 18.74 26.95
C ALA A 101 -3.11 18.37 27.14
N SER A 102 -2.56 18.63 28.33
CA SER A 102 -1.16 18.32 28.59
C SER A 102 -0.90 16.82 28.52
N ASN A 103 -1.89 16.00 28.90
CA ASN A 103 -1.74 14.55 28.78
C ASN A 103 -1.50 14.14 27.33
N PHE A 104 -2.28 14.69 26.40
CA PHE A 104 -2.11 14.34 24.99
C PHE A 104 -0.88 15.00 24.40
N ALA A 105 -0.52 16.20 24.88
CA ALA A 105 0.71 16.84 24.43
C ALA A 105 1.93 16.05 24.89
N ALA A 106 1.92 15.54 26.12
CA ALA A 106 3.01 14.69 26.59
C ALA A 106 3.08 13.40 25.79
N MET A 107 1.93 12.78 25.52
CA MET A 107 1.89 11.60 24.67
C MET A 107 2.50 11.88 23.30
N GLY A 108 2.13 13.03 22.71
CA GLY A 108 2.72 13.39 21.43
C GLY A 108 4.22 13.49 21.48
N GLN A 109 4.73 14.18 22.49
CA GLN A 109 6.18 14.28 22.67
C GLN A 109 6.82 12.92 22.93
N ALA A 110 6.12 12.03 23.62
CA ALA A 110 6.61 10.67 23.78
C ALA A 110 6.71 9.96 22.43
N VAL A 111 5.66 10.11 21.61
CA VAL A 111 5.68 9.50 20.27
C VAL A 111 6.84 10.06 19.45
N MET A 112 7.00 11.39 19.47
CA MET A 112 8.13 12.02 18.80
C MET A 112 9.48 11.61 19.39
N SER A 113 9.48 11.00 20.57
CA SER A 113 10.72 10.57 21.20
C SER A 113 11.13 9.15 20.79
N VAL A 114 10.17 8.23 20.79
CA VAL A 114 10.48 6.81 20.60
C VAL A 114 10.49 6.42 19.13
N VAL A 115 9.56 6.96 18.33
CA VAL A 115 9.48 6.56 16.92
C VAL A 115 10.78 6.78 16.17
N PRO A 116 11.42 7.95 16.21
CA PRO A 116 12.64 8.13 15.41
C PRO A 116 13.84 7.33 15.88
N THR A 117 13.84 6.83 17.12
CA THR A 117 14.96 6.02 17.58
C THR A 117 14.94 4.61 17.01
N HIS A 118 13.92 4.28 16.20
CA HIS A 118 13.84 3.02 15.47
C HIS A 118 13.84 3.27 13.97
N LEU A 119 14.40 4.40 13.54
CA LEU A 119 14.35 4.82 12.15
C LEU A 119 15.67 5.40 11.71
N ASP A 120 15.99 5.21 10.44
CA ASP A 120 17.07 5.94 9.79
C ASP A 120 16.60 7.29 9.26
N CYS A 121 15.30 7.42 8.97
CA CYS A 121 14.72 8.63 8.44
C CYS A 121 13.45 8.95 9.21
N PHE A 122 13.28 10.21 9.56
CA PHE A 122 12.12 10.65 10.34
C PHE A 122 11.82 12.09 9.98
N ASN A 123 10.57 12.37 9.62
CA ASN A 123 10.13 13.72 9.25
C ASN A 123 9.21 14.23 10.36
N GLN A 124 9.77 15.01 11.28
CA GLN A 124 9.01 15.41 12.45
C GLN A 124 7.92 16.42 12.09
N HIS A 125 8.11 17.17 11.01
CA HIS A 125 7.04 18.05 10.53
C HIS A 125 5.79 17.26 10.18
N ALA A 126 5.92 16.24 9.33
CA ALA A 126 4.77 15.43 8.96
C ALA A 126 4.18 14.74 10.19
N TRP A 127 5.04 14.26 11.10
CA TRP A 127 4.54 13.58 12.28
C TRP A 127 3.83 14.54 13.23
N GLY A 128 4.36 15.76 13.38
CA GLY A 128 3.68 16.75 14.20
C GLY A 128 2.27 17.03 13.72
N GLU A 129 2.10 17.24 12.42
CA GLU A 129 0.77 17.51 11.88
C GLU A 129 -0.14 16.29 12.01
N CYS A 130 0.38 15.12 11.64
CA CYS A 130 -0.48 13.94 11.64
C CYS A 130 -0.79 13.45 13.05
N TYR A 131 0.14 13.60 14.00
CA TYR A 131 -0.21 13.27 15.38
C TYR A 131 -1.27 14.23 15.90
N GLU A 132 -1.08 15.53 15.66
CA GLU A 132 -2.10 16.51 16.03
C GLU A 132 -3.45 16.12 15.45
N ARG A 133 -3.47 15.68 14.19
CA ARG A 133 -4.71 15.23 13.56
C ARG A 133 -5.37 14.11 14.36
N ILE A 134 -4.57 13.12 14.77
CA ILE A 134 -5.12 11.98 15.49
C ILE A 134 -5.55 12.39 16.90
N ALA A 135 -4.64 13.02 17.66
CA ALA A 135 -4.92 13.33 19.06
C ALA A 135 -6.07 14.32 19.18
N SER A 136 -6.15 15.30 18.28
CA SER A 136 -7.26 16.25 18.32
C SER A 136 -8.60 15.52 18.18
N GLY A 137 -8.64 14.45 17.39
CA GLY A 137 -9.87 13.69 17.25
C GLY A 137 -10.24 12.92 18.50
N ILE A 138 -9.24 12.53 19.29
CA ILE A 138 -9.50 11.78 20.52
C ILE A 138 -9.74 12.70 21.70
N SER A 139 -9.02 13.83 21.78
CA SER A 139 -9.16 14.74 22.91
C SER A 139 -10.54 15.37 23.00
N GLY A 140 -11.40 15.14 22.01
CA GLY A 140 -12.75 15.65 22.04
C GLY A 140 -12.96 16.74 21.00
N ASP B 1 -14.22 -13.02 -12.86
CA ASP B 1 -14.03 -12.77 -11.43
C ASP B 1 -13.13 -11.57 -11.15
N CYS B 2 -11.88 -11.85 -10.75
CA CYS B 2 -10.94 -10.84 -10.30
C CYS B 2 -11.54 -10.02 -9.16
N THR B 3 -11.66 -10.69 -8.01
CA THR B 3 -12.25 -10.10 -6.82
C THR B 3 -11.30 -9.08 -6.18
N SER B 4 -11.81 -8.39 -5.15
CA SER B 4 -10.99 -7.42 -4.44
C SER B 4 -9.81 -8.09 -3.75
N LEU B 5 -9.98 -9.32 -3.26
CA LEU B 5 -8.84 -10.05 -2.72
C LEU B 5 -7.88 -10.48 -3.82
N ASN B 6 -8.42 -10.93 -4.96
CA ASN B 6 -7.57 -11.27 -6.11
C ASN B 6 -6.68 -10.12 -6.51
N ARG B 7 -7.22 -8.90 -6.50
CA ARG B 7 -6.46 -7.74 -6.98
C ARG B 7 -5.30 -7.43 -6.04
N LEU B 8 -5.49 -7.63 -4.73
CA LEU B 8 -4.38 -7.45 -3.81
C LEU B 8 -3.28 -8.47 -4.05
N LEU B 9 -3.67 -9.73 -4.30
CA LEU B 9 -2.70 -10.78 -4.54
C LEU B 9 -1.90 -10.52 -5.82
N VAL B 10 -2.61 -10.20 -6.91
CA VAL B 10 -1.92 -9.94 -8.17
C VAL B 10 -1.00 -8.74 -8.06
N LYS B 11 -1.47 -7.68 -7.39
CA LYS B 11 -0.62 -6.50 -7.19
C LYS B 11 0.67 -6.86 -6.47
N ARG B 12 0.58 -7.64 -5.39
CA ARG B 12 1.76 -8.00 -4.62
C ARG B 12 2.72 -8.84 -5.45
N GLN B 13 2.20 -9.88 -6.10
CA GLN B 13 3.08 -10.79 -6.85
C GLN B 13 3.63 -10.12 -8.11
N TRP B 14 2.86 -9.24 -8.74
CA TRP B 14 3.38 -8.53 -9.90
C TRP B 14 4.56 -7.65 -9.53
N ALA B 15 4.40 -6.83 -8.49
CA ALA B 15 5.50 -5.98 -8.04
C ALA B 15 6.72 -6.81 -7.70
N GLU B 16 6.52 -7.98 -7.10
CA GLU B 16 7.62 -8.87 -6.79
C GLU B 16 8.33 -9.35 -8.05
N ALA B 17 7.56 -9.84 -9.02
CA ALA B 17 8.17 -10.37 -10.25
C ALA B 17 8.70 -9.26 -11.13
N TYR B 18 7.93 -8.17 -11.28
CA TYR B 18 8.38 -7.02 -12.04
C TYR B 18 9.65 -6.43 -11.44
N GLY B 19 9.60 -6.08 -10.15
CA GLY B 19 10.80 -5.69 -9.45
C GLY B 19 11.26 -4.28 -9.79
N GLU B 20 12.57 -4.08 -9.67
CA GLU B 20 13.20 -2.78 -9.84
C GLU B 20 14.35 -2.89 -10.84
N GLY B 21 14.63 -1.77 -11.51
CA GLY B 21 15.81 -1.70 -12.35
C GLY B 21 15.82 -2.74 -13.45
N THR B 22 16.96 -3.42 -13.59
CA THR B 22 17.13 -4.38 -14.66
C THR B 22 16.38 -5.69 -14.43
N ASN B 23 15.87 -5.94 -13.22
CA ASN B 23 15.02 -7.10 -13.02
C ASN B 23 13.79 -7.04 -13.90
N ARG B 24 13.34 -5.82 -14.25
CA ARG B 24 12.21 -5.67 -15.14
C ARG B 24 12.52 -6.23 -16.53
N GLU B 25 13.75 -6.04 -16.99
CA GLU B 25 14.15 -6.64 -18.26
C GLU B 25 14.19 -8.16 -18.18
N LEU B 26 14.52 -8.72 -17.02
CA LEU B 26 14.49 -10.16 -16.86
C LEU B 26 13.09 -10.71 -17.06
N LEU B 27 12.08 -10.03 -16.51
CA LEU B 27 10.70 -10.48 -16.67
C LEU B 27 10.24 -10.32 -18.11
N GLY B 28 10.60 -9.20 -18.74
CA GLY B 28 10.20 -8.98 -20.13
C GLY B 28 10.74 -10.04 -21.06
N ASN B 29 12.02 -10.36 -20.93
CA ASN B 29 12.62 -11.41 -21.75
C ASN B 29 11.87 -12.72 -21.61
N ARG B 30 11.48 -13.08 -20.38
CA ARG B 30 10.69 -14.29 -20.19
C ARG B 30 9.39 -14.23 -20.97
N ILE B 31 8.77 -13.06 -21.02
CA ILE B 31 7.47 -12.93 -21.69
C ILE B 31 7.63 -13.01 -23.20
N TRP B 32 8.53 -12.20 -23.76
CA TRP B 32 8.65 -12.13 -25.22
C TRP B 32 9.24 -13.42 -25.78
N GLU B 33 10.18 -14.04 -25.08
CA GLU B 33 10.71 -15.31 -25.55
C GLU B 33 9.62 -16.37 -25.59
N ASP B 34 8.79 -16.43 -24.55
CA ASP B 34 7.70 -17.40 -24.53
C ASP B 34 6.67 -17.09 -25.61
N LEU B 35 6.29 -15.82 -25.73
CA LEU B 35 5.27 -15.42 -26.70
C LEU B 35 5.72 -15.73 -28.12
N PHE B 36 6.96 -15.40 -28.46
CA PHE B 36 7.43 -15.60 -29.83
C PHE B 36 7.66 -17.08 -30.13
N ALA B 37 7.95 -17.89 -29.11
CA ALA B 37 8.06 -19.32 -29.33
C ALA B 37 6.70 -19.95 -29.56
N ASN B 38 5.67 -19.47 -28.86
CA ASN B 38 4.33 -20.04 -29.02
C ASN B 38 3.61 -19.47 -30.23
N MET B 39 3.96 -18.26 -30.65
CA MET B 39 3.24 -17.55 -31.70
C MET B 39 4.27 -16.81 -32.56
N PRO B 40 4.98 -17.53 -33.43
CA PRO B 40 6.12 -16.90 -34.13
C PRO B 40 5.73 -15.75 -35.03
N ASP B 41 4.49 -15.71 -35.54
CA ASP B 41 4.05 -14.60 -36.36
C ASP B 41 3.89 -13.31 -35.57
N ALA B 42 3.93 -13.36 -34.23
CA ALA B 42 3.81 -12.14 -33.45
C ALA B 42 5.07 -11.29 -33.52
N ARG B 43 6.21 -11.90 -33.78
CA ARG B 43 7.47 -11.15 -33.85
C ARG B 43 7.42 -10.07 -34.92
N GLY B 44 6.77 -10.35 -36.05
CA GLY B 44 6.75 -9.40 -37.15
C GLY B 44 5.94 -8.15 -36.84
N LEU B 45 4.98 -8.25 -35.94
CA LEU B 45 4.26 -7.08 -35.44
C LEU B 45 5.19 -6.04 -34.84
N PHE B 46 6.39 -6.44 -34.42
CA PHE B 46 7.31 -5.56 -33.71
C PHE B 46 8.53 -5.22 -34.56
N SER B 47 8.36 -5.20 -35.89
CA SER B 47 9.48 -4.93 -36.78
C SER B 47 10.01 -3.51 -36.61
N ARG B 48 9.15 -2.57 -36.20
CA ARG B 48 9.58 -1.19 -36.01
C ARG B 48 10.38 -0.99 -34.74
N VAL B 49 10.28 -1.90 -33.77
CA VAL B 49 11.08 -1.84 -32.56
C VAL B 49 12.12 -2.96 -32.52
N ASN B 50 12.44 -3.53 -33.69
CA ASN B 50 13.51 -4.50 -33.84
C ASN B 50 13.21 -5.79 -33.06
N GLY B 51 12.03 -6.36 -33.34
CA GLY B 51 11.63 -7.60 -32.72
C GLY B 51 12.47 -8.81 -33.12
N ASN B 52 13.22 -8.70 -34.22
CA ASN B 52 14.14 -9.77 -34.60
C ASN B 52 15.27 -9.91 -33.61
N ASP B 53 15.54 -8.89 -32.79
CA ASP B 53 16.62 -8.92 -31.82
C ASP B 53 16.07 -8.33 -30.52
N ILE B 54 15.53 -9.21 -29.66
CA ILE B 54 14.91 -8.74 -28.43
C ILE B 54 15.92 -8.21 -27.44
N ASP B 55 17.19 -8.54 -27.61
CA ASP B 55 18.24 -8.05 -26.73
C ASP B 55 18.75 -6.67 -27.11
N SER B 56 18.28 -6.12 -28.23
CA SER B 56 18.71 -4.79 -28.63
C SER B 56 18.15 -3.73 -27.69
N SER B 57 18.78 -2.55 -27.73
CA SER B 57 18.29 -1.43 -26.92
C SER B 57 16.91 -0.99 -27.39
N GLU B 58 16.66 -1.03 -28.70
CA GLU B 58 15.37 -0.60 -29.23
C GLU B 58 14.24 -1.46 -28.69
N PHE B 59 14.39 -2.78 -28.74
CA PHE B 59 13.30 -3.65 -28.30
C PHE B 59 13.15 -3.63 -26.78
N GLN B 60 14.27 -3.58 -26.06
CA GLN B 60 14.19 -3.52 -24.59
C GLN B 60 13.41 -2.29 -24.13
N ALA B 61 13.64 -1.14 -24.78
CA ALA B 61 12.83 0.04 -24.46
C ALA B 61 11.36 -0.23 -24.76
N HIS B 62 11.06 -0.85 -25.90
CA HIS B 62 9.69 -1.22 -26.20
C HIS B 62 9.14 -2.18 -25.16
N SER B 63 9.91 -3.22 -24.84
CA SER B 63 9.48 -4.19 -23.83
C SER B 63 9.17 -3.51 -22.51
N LEU B 64 10.04 -2.60 -22.07
CA LEU B 64 9.80 -1.93 -20.79
C LEU B 64 8.66 -0.93 -20.87
N ARG B 65 8.35 -0.41 -22.07
CA ARG B 65 7.14 0.39 -22.22
C ARG B 65 5.90 -0.47 -22.03
N VAL B 66 5.90 -1.68 -22.61
CA VAL B 66 4.76 -2.57 -22.47
C VAL B 66 4.61 -3.01 -21.02
N LEU B 67 5.66 -3.57 -20.44
CA LEU B 67 5.61 -3.96 -19.04
C LEU B 67 5.29 -2.77 -18.15
N GLY B 68 5.78 -1.58 -18.51
CA GLY B 68 5.40 -0.38 -17.79
C GLY B 68 3.91 -0.11 -17.85
N GLY B 69 3.30 -0.33 -19.01
CA GLY B 69 1.87 -0.16 -19.13
C GLY B 69 1.10 -1.22 -18.36
N LEU B 70 1.58 -2.46 -18.38
CA LEU B 70 0.95 -3.52 -17.59
C LEU B 70 1.07 -3.23 -16.10
N ASP B 71 2.26 -2.85 -15.65
CA ASP B 71 2.44 -2.41 -14.27
C ASP B 71 1.45 -1.32 -13.91
N MET B 72 1.31 -0.34 -14.80
CA MET B 72 0.40 0.78 -14.56
C MET B 72 -1.05 0.30 -14.41
N CYS B 73 -1.44 -0.72 -15.19
CA CYS B 73 -2.80 -1.27 -15.06
C CYS B 73 -2.92 -2.12 -13.81
N VAL B 74 -1.93 -2.98 -13.56
CA VAL B 74 -1.95 -3.81 -12.35
C VAL B 74 -2.11 -2.95 -11.11
N ALA B 75 -1.31 -1.89 -11.00
CA ALA B 75 -1.35 -1.04 -9.82
C ALA B 75 -2.70 -0.37 -9.62
N SER B 76 -3.49 -0.23 -10.69
CA SER B 76 -4.79 0.42 -10.63
C SER B 76 -5.94 -0.57 -10.58
N LEU B 77 -5.66 -1.86 -10.34
CA LEU B 77 -6.72 -2.86 -10.34
C LEU B 77 -7.76 -2.60 -9.26
N ASP B 78 -7.35 -2.05 -8.12
CA ASP B 78 -8.32 -1.71 -7.08
C ASP B 78 -8.90 -0.31 -7.27
N ASP B 79 -8.54 0.37 -8.36
CA ASP B 79 -9.08 1.68 -8.71
C ASP B 79 -9.72 1.57 -10.09
N VAL B 80 -10.90 0.96 -10.14
CA VAL B 80 -11.50 0.60 -11.43
C VAL B 80 -11.81 1.82 -12.30
N PRO B 81 -12.37 2.93 -11.79
CA PRO B 81 -12.60 4.08 -12.67
C PRO B 81 -11.35 4.56 -13.38
N VAL B 82 -10.23 4.63 -12.67
CA VAL B 82 -8.98 5.05 -13.29
C VAL B 82 -8.47 3.97 -14.24
N LEU B 83 -8.61 2.70 -13.87
CA LEU B 83 -8.19 1.61 -14.74
C LEU B 83 -8.91 1.69 -16.09
N ASN B 84 -10.23 1.89 -16.07
CA ASN B 84 -10.99 1.95 -17.33
C ASN B 84 -10.45 3.05 -18.24
N ALA B 85 -10.03 4.17 -17.67
CA ALA B 85 -9.47 5.25 -18.48
C ALA B 85 -8.09 4.88 -19.01
N LEU B 86 -7.28 4.21 -18.20
CA LEU B 86 -5.97 3.77 -18.66
C LEU B 86 -6.10 2.79 -19.82
N LEU B 87 -7.03 1.85 -19.72
CA LEU B 87 -7.22 0.86 -20.78
C LEU B 87 -7.72 1.52 -22.06
N ALA B 88 -8.64 2.49 -21.94
CA ALA B 88 -9.14 3.19 -23.11
C ALA B 88 -8.02 3.85 -23.88
N ARG B 89 -7.07 4.49 -23.18
CA ARG B 89 -5.95 5.11 -23.86
C ARG B 89 -5.04 4.06 -24.49
N LEU B 90 -4.82 2.94 -23.80
CA LEU B 90 -4.00 1.87 -24.37
C LEU B 90 -4.64 1.29 -25.62
N ASN B 91 -5.97 1.19 -25.62
CA ASN B 91 -6.67 0.72 -26.80
C ASN B 91 -6.38 1.59 -28.01
N SER B 92 -6.33 2.91 -27.82
CA SER B 92 -6.06 3.82 -28.92
C SER B 92 -4.66 3.63 -29.50
N GLN B 93 -3.74 3.08 -28.72
CA GLN B 93 -2.39 2.82 -29.20
C GLN B 93 -2.26 1.46 -29.88
N HIS B 94 -3.30 0.62 -29.83
CA HIS B 94 -3.26 -0.68 -30.46
C HIS B 94 -4.27 -0.88 -31.58
N ASP B 95 -5.31 -0.03 -31.68
CA ASP B 95 -6.36 -0.27 -32.66
C ASP B 95 -5.88 0.04 -34.07
N SER B 96 -6.39 -0.73 -35.02
CA SER B 96 -6.07 -0.58 -36.44
C SER B 96 -4.56 -0.69 -36.70
N ARG B 97 -3.82 -1.26 -35.75
CA ARG B 97 -2.45 -1.70 -35.99
C ARG B 97 -2.40 -3.09 -36.61
N GLY B 98 -3.54 -3.73 -36.80
CA GLY B 98 -3.57 -5.07 -37.35
C GLY B 98 -3.12 -6.17 -36.39
N ILE B 99 -3.25 -5.93 -35.08
CA ILE B 99 -2.86 -6.93 -34.09
C ILE B 99 -3.92 -8.03 -34.04
N PRO B 100 -3.55 -9.29 -34.28
CA PRO B 100 -4.53 -10.37 -34.24
C PRO B 100 -5.12 -10.54 -32.84
N ALA B 101 -6.41 -10.85 -32.79
CA ALA B 101 -7.06 -11.08 -31.50
C ALA B 101 -6.37 -12.19 -30.71
N ALA B 102 -5.77 -13.16 -31.40
CA ALA B 102 -5.10 -14.26 -30.72
C ALA B 102 -3.87 -13.81 -29.94
N GLY B 103 -3.32 -12.64 -30.26
CA GLY B 103 -2.12 -12.18 -29.58
C GLY B 103 -2.34 -11.86 -28.12
N TYR B 104 -3.56 -11.49 -27.75
CA TYR B 104 -3.80 -11.05 -26.39
C TYR B 104 -3.93 -12.21 -25.41
N PRO B 105 -4.71 -13.26 -25.70
CA PRO B 105 -4.64 -14.45 -24.84
C PRO B 105 -3.25 -15.05 -24.80
N ALA B 106 -2.51 -14.98 -25.91
CA ALA B 106 -1.14 -15.50 -25.94
C ALA B 106 -0.23 -14.67 -25.05
N PHE B 107 -0.35 -13.35 -25.10
CA PHE B 107 0.42 -12.49 -24.21
C PHE B 107 0.08 -12.75 -22.75
N VAL B 108 -1.22 -12.89 -22.44
CA VAL B 108 -1.65 -13.18 -21.08
C VAL B 108 -1.00 -14.46 -20.59
N ALA B 109 -1.05 -15.52 -21.41
CA ALA B 109 -0.43 -16.79 -21.01
C ALA B 109 1.06 -16.62 -20.76
N SER B 110 1.74 -15.87 -21.62
CA SER B 110 3.19 -15.69 -21.46
C SER B 110 3.52 -14.84 -20.25
N ALA B 111 2.71 -13.82 -19.96
CA ALA B 111 2.97 -12.99 -18.79
C ALA B 111 2.74 -13.77 -17.50
N ILE B 112 1.66 -14.55 -17.44
CA ILE B 112 1.37 -15.35 -16.27
C ILE B 112 2.47 -16.39 -16.05
N SER B 113 2.91 -17.05 -17.13
CA SER B 113 3.98 -18.04 -17.01
C SER B 113 5.26 -17.40 -16.48
N ALA B 114 5.57 -16.18 -16.92
CA ALA B 114 6.80 -15.53 -16.51
C ALA B 114 6.73 -15.08 -15.05
N VAL B 115 5.60 -14.49 -14.63
CA VAL B 115 5.44 -14.15 -13.22
C VAL B 115 5.50 -15.40 -12.36
N ARG B 116 4.79 -16.45 -12.79
CA ARG B 116 4.81 -17.72 -12.06
C ARG B 116 6.25 -18.24 -11.94
N ALA B 117 7.03 -18.11 -13.01
CA ALA B 117 8.41 -18.57 -12.98
C ALA B 117 9.27 -17.75 -12.03
N THR B 118 8.93 -16.47 -11.84
CA THR B 118 9.78 -15.60 -11.02
C THR B 118 9.46 -15.72 -9.54
N VAL B 119 8.16 -15.74 -9.18
CA VAL B 119 7.78 -15.81 -7.77
C VAL B 119 7.62 -17.23 -7.26
N GLY B 120 7.64 -18.23 -8.14
CA GLY B 120 7.48 -19.61 -7.70
C GLY B 120 6.10 -20.16 -7.96
N ALA B 121 6.03 -21.43 -8.37
CA ALA B 121 4.75 -21.99 -8.81
C ALA B 121 3.90 -22.48 -7.64
N ARG B 122 4.51 -22.84 -6.51
CA ARG B 122 3.76 -23.44 -5.43
C ARG B 122 2.73 -22.45 -4.89
N SER B 123 1.46 -22.87 -4.88
CA SER B 123 0.31 -22.10 -4.44
C SER B 123 -0.02 -20.93 -5.36
N PHE B 124 0.58 -20.87 -6.55
CA PHE B 124 0.30 -19.79 -7.47
C PHE B 124 -1.16 -19.81 -7.88
N ASP B 125 -1.83 -18.66 -7.76
CA ASP B 125 -3.27 -18.57 -7.99
C ASP B 125 -3.50 -18.23 -9.46
N ASN B 126 -3.71 -19.27 -10.27
CA ASN B 126 -3.92 -19.06 -11.70
C ASN B 126 -5.29 -18.46 -11.99
N ASP B 127 -6.30 -18.78 -11.19
CA ASP B 127 -7.61 -18.19 -11.40
C ASP B 127 -7.58 -16.69 -11.18
N ALA B 128 -6.88 -16.24 -10.13
CA ALA B 128 -6.78 -14.80 -9.89
C ALA B 128 -5.99 -14.10 -10.99
N TRP B 129 -4.89 -14.71 -11.43
CA TRP B 129 -4.07 -14.06 -12.44
C TRP B 129 -4.75 -14.05 -13.80
N ASN B 130 -5.37 -15.15 -14.20
CA ASN B 130 -6.05 -15.19 -15.51
C ASN B 130 -7.20 -14.20 -15.55
N SER B 131 -8.04 -14.18 -14.51
CA SER B 131 -9.22 -13.33 -14.54
C SER B 131 -8.83 -11.85 -14.49
N CYS B 132 -7.82 -11.49 -13.70
CA CYS B 132 -7.43 -10.08 -13.63
C CYS B 132 -6.66 -9.65 -14.87
N MET B 133 -5.79 -10.51 -15.40
CA MET B 133 -5.15 -10.20 -16.68
C MET B 133 -6.17 -10.09 -17.80
N ASN B 134 -7.26 -10.86 -17.73
CA ASN B 134 -8.28 -10.79 -18.77
C ASN B 134 -9.04 -9.47 -18.72
N GLN B 135 -9.23 -8.90 -17.53
CA GLN B 135 -9.85 -7.57 -17.45
C GLN B 135 -8.97 -6.53 -18.12
N ILE B 136 -7.65 -6.68 -18.02
CA ILE B 136 -6.74 -5.70 -18.58
C ILE B 136 -6.73 -5.77 -20.10
N VAL B 137 -6.56 -6.97 -20.66
CA VAL B 137 -6.37 -7.07 -22.11
C VAL B 137 -7.70 -6.88 -22.83
N SER B 138 -8.82 -7.27 -22.21
CA SER B 138 -10.11 -7.04 -22.86
C SER B 138 -10.42 -5.56 -23.00
N GLY B 139 -9.77 -4.70 -22.22
CA GLY B 139 -9.89 -3.27 -22.44
C GLY B 139 -9.02 -2.74 -23.55
N ILE B 140 -7.96 -3.48 -23.89
CA ILE B 140 -6.99 -3.02 -24.88
C ILE B 140 -7.31 -3.55 -26.27
N SER B 141 -7.67 -4.83 -26.36
CA SER B 141 -7.90 -5.49 -27.64
C SER B 141 -9.23 -5.07 -28.26
N GLY B 142 -9.24 -4.96 -29.58
CA GLY B 142 -10.47 -4.67 -30.30
C GLY B 142 -10.93 -3.23 -30.18
N SER C 2 25.43 19.19 -14.32
CA SER C 2 25.41 18.22 -13.22
C SER C 2 25.38 16.79 -13.76
N CYS C 3 25.78 15.83 -12.92
CA CYS C 3 25.89 14.44 -13.32
C CYS C 3 25.11 13.56 -12.35
N CYS C 4 24.26 12.70 -12.90
CA CYS C 4 23.55 11.69 -12.12
C CYS C 4 24.49 10.50 -11.94
N SER C 5 25.18 10.46 -10.80
CA SER C 5 26.21 9.46 -10.59
C SER C 5 25.61 8.09 -10.27
N SER C 6 26.47 7.08 -10.27
CA SER C 6 26.08 5.73 -9.88
C SER C 6 25.40 5.73 -8.52
N GLU C 7 26.00 6.43 -7.55
CA GLU C 7 25.40 6.55 -6.22
C GLU C 7 24.08 7.30 -6.28
N ASP C 8 24.01 8.35 -7.10
CA ASP C 8 22.78 9.13 -7.23
C ASP C 8 21.64 8.24 -7.70
N ARG C 9 21.85 7.49 -8.79
CA ARG C 9 20.73 6.74 -9.36
C ARG C 9 20.36 5.54 -8.49
N ALA C 10 21.32 4.95 -7.77
CA ALA C 10 20.97 3.88 -6.85
C ALA C 10 20.08 4.39 -5.73
N ASN C 11 20.40 5.57 -5.18
CA ASN C 11 19.58 6.18 -4.15
C ASN C 11 18.21 6.56 -4.69
N VAL C 12 18.18 7.20 -5.86
CA VAL C 12 16.90 7.67 -6.42
C VAL C 12 16.01 6.49 -6.77
N MET C 13 16.54 5.49 -7.48
CA MET C 13 15.74 4.35 -7.87
C MET C 13 15.14 3.64 -6.66
N HIS C 14 15.91 3.48 -5.59
CA HIS C 14 15.41 2.81 -4.39
C HIS C 14 14.29 3.62 -3.75
N ASN C 15 14.50 4.91 -3.55
CA ASN C 15 13.50 5.72 -2.86
C ASN C 15 12.28 5.98 -3.73
N TRP C 16 12.47 6.06 -5.06
CA TRP C 16 11.32 6.18 -5.94
C TRP C 16 10.47 4.91 -5.89
N ASP C 17 11.09 3.76 -6.11
CA ASP C 17 10.33 2.50 -6.15
C ASP C 17 9.66 2.20 -4.82
N ALA C 18 10.25 2.67 -3.72
CA ALA C 18 9.64 2.44 -2.40
C ALA C 18 8.31 3.17 -2.26
N ALA C 19 8.14 4.29 -2.97
CA ALA C 19 6.90 5.03 -2.94
C ALA C 19 5.95 4.64 -4.07
N TRP C 20 6.49 4.34 -5.25
CA TRP C 20 5.68 4.17 -6.45
C TRP C 20 5.30 2.71 -6.72
N SER C 21 5.81 1.77 -5.94
CA SER C 21 5.62 0.35 -6.24
C SER C 21 4.15 0.00 -6.43
N ALA C 22 3.87 -0.84 -7.42
CA ALA C 22 2.52 -1.33 -7.68
C ALA C 22 1.96 -2.16 -6.53
N ALA C 23 2.80 -2.56 -5.57
CA ALA C 23 2.33 -3.34 -4.44
C ALA C 23 1.42 -2.54 -3.53
N TYR C 24 1.55 -1.22 -3.51
CA TYR C 24 0.73 -0.37 -2.67
C TYR C 24 -0.45 0.18 -3.44
N SER C 25 -1.44 0.66 -2.69
CA SER C 25 -2.64 1.25 -3.26
C SER C 25 -2.77 2.69 -2.78
N ASP C 26 -3.49 3.49 -3.56
CA ASP C 26 -3.87 4.86 -3.23
C ASP C 26 -2.66 5.73 -2.88
N ARG C 27 -1.53 5.49 -3.55
CA ARG C 27 -0.38 6.39 -3.50
C ARG C 27 -0.12 7.07 -4.83
N ARG C 28 -0.18 6.32 -5.93
CA ARG C 28 0.20 6.85 -7.23
C ARG C 28 -0.66 8.05 -7.61
N VAL C 29 -1.98 7.94 -7.42
CA VAL C 29 -2.86 9.04 -7.81
C VAL C 29 -2.60 10.26 -6.94
N ALA C 30 -2.53 10.07 -5.62
CA ALA C 30 -2.23 11.18 -4.72
C ALA C 30 -0.93 11.88 -5.11
N LEU C 31 0.12 11.10 -5.37
CA LEU C 31 1.40 11.67 -5.76
C LEU C 31 1.28 12.37 -7.11
N ALA C 32 0.78 11.66 -8.12
CA ALA C 32 0.71 12.22 -9.47
C ALA C 32 -0.22 13.44 -9.52
N GLN C 33 -1.34 13.38 -8.81
CA GLN C 33 -2.21 14.56 -8.75
C GLN C 33 -1.50 15.74 -8.12
N ALA C 34 -0.75 15.50 -7.03
CA ALA C 34 -0.03 16.59 -6.38
C ALA C 34 1.02 17.19 -7.31
N VAL C 35 1.67 16.36 -8.13
CA VAL C 35 2.67 16.86 -9.06
C VAL C 35 2.06 17.85 -10.03
N PHE C 36 0.96 17.46 -10.68
CA PHE C 36 0.33 18.35 -11.65
C PHE C 36 -0.35 19.53 -10.97
N ALA C 37 -0.88 19.35 -9.76
CA ALA C 37 -1.40 20.48 -9.00
C ALA C 37 -0.29 21.50 -8.72
N SER C 38 0.92 21.02 -8.43
CA SER C 38 2.03 21.94 -8.25
C SER C 38 2.46 22.55 -9.57
N LEU C 39 2.48 21.75 -10.64
CA LEU C 39 2.81 22.26 -11.97
C LEU C 39 1.88 23.40 -12.37
N PHE C 40 0.57 23.19 -12.19
CA PHE C 40 -0.39 24.24 -12.52
C PHE C 40 -0.27 25.43 -11.57
N SER C 41 0.14 25.18 -10.33
CA SER C 41 0.35 26.27 -9.38
C SER C 41 1.51 27.18 -9.78
N ARG C 42 2.54 26.62 -10.42
CA ARG C 42 3.72 27.39 -10.78
C ARG C 42 3.68 27.91 -12.21
N ASP C 43 2.82 27.33 -13.05
CA ASP C 43 2.72 27.71 -14.47
C ASP C 43 1.27 27.49 -14.89
N ALA C 44 0.40 28.43 -14.49
CA ALA C 44 -1.03 28.29 -14.76
C ALA C 44 -1.34 28.22 -16.24
N ALA C 45 -0.46 28.75 -17.10
CA ALA C 45 -0.67 28.63 -18.54
C ALA C 45 -0.49 27.19 -19.02
N ALA C 46 0.32 26.39 -18.31
CA ALA C 46 0.59 25.03 -18.77
C ALA C 46 -0.65 24.16 -18.75
N GLN C 47 -1.65 24.49 -17.91
CA GLN C 47 -2.86 23.68 -17.84
C GLN C 47 -3.57 23.62 -19.18
N GLY C 48 -3.40 24.64 -20.03
CA GLY C 48 -4.06 24.63 -21.32
C GLY C 48 -3.59 23.51 -22.23
N LEU C 49 -2.36 23.01 -22.00
CA LEU C 49 -1.84 21.93 -22.84
C LEU C 49 -2.57 20.61 -22.59
N PHE C 50 -3.28 20.49 -21.48
CA PHE C 50 -3.89 19.24 -21.05
C PHE C 50 -5.41 19.32 -21.10
N SER C 51 -5.95 19.96 -22.16
CA SER C 51 -7.40 20.06 -22.32
C SER C 51 -8.02 18.77 -22.84
N GLY C 52 -7.24 17.91 -23.50
CA GLY C 52 -7.73 16.63 -23.93
C GLY C 52 -7.84 15.58 -22.85
N VAL C 53 -7.40 15.89 -21.63
CA VAL C 53 -7.43 14.95 -20.53
C VAL C 53 -8.20 15.52 -19.33
N SER C 54 -9.06 16.51 -19.57
CA SER C 54 -9.98 17.04 -18.56
C SER C 54 -9.23 17.64 -17.37
N ALA C 55 -8.23 18.48 -17.66
CA ALA C 55 -7.44 19.10 -16.60
C ALA C 55 -8.27 20.01 -15.71
N ASP C 56 -9.41 20.51 -16.19
CA ASP C 56 -10.26 21.35 -15.36
C ASP C 56 -11.15 20.55 -14.42
N ASN C 57 -11.01 19.23 -14.40
CA ASN C 57 -11.74 18.35 -13.48
C ASN C 57 -10.74 17.35 -12.92
N PRO C 58 -9.90 17.77 -11.97
CA PRO C 58 -8.75 16.94 -11.57
C PRO C 58 -9.13 15.59 -10.99
N ASP C 59 -10.28 15.47 -10.33
CA ASP C 59 -10.70 14.19 -9.76
C ASP C 59 -11.45 13.31 -10.75
N SER C 60 -11.52 13.71 -12.03
CA SER C 60 -12.08 12.83 -13.04
C SER C 60 -11.16 11.63 -13.25
N ALA C 61 -11.76 10.50 -13.63
CA ALA C 61 -10.94 9.35 -14.00
C ALA C 61 -10.03 9.70 -15.16
N ASP C 62 -10.49 10.55 -16.07
CA ASP C 62 -9.70 10.96 -17.22
C ASP C 62 -8.40 11.63 -16.77
N PHE C 63 -8.48 12.62 -15.87
CA PHE C 63 -7.28 13.36 -15.49
C PHE C 63 -6.41 12.55 -14.54
N ARG C 64 -7.01 11.81 -13.61
CA ARG C 64 -6.25 10.92 -12.75
C ARG C 64 -5.42 9.93 -13.57
N ALA C 65 -6.02 9.36 -14.63
CA ALA C 65 -5.29 8.41 -15.45
C ALA C 65 -4.17 9.10 -16.22
N HIS C 66 -4.40 10.34 -16.66
CA HIS C 66 -3.32 11.08 -17.32
C HIS C 66 -2.15 11.29 -16.37
N CYS C 67 -2.43 11.74 -15.15
CA CYS C 67 -1.37 11.95 -14.15
C CYS C 67 -0.60 10.66 -13.91
N VAL C 68 -1.31 9.56 -13.68
CA VAL C 68 -0.67 8.28 -13.44
C VAL C 68 0.14 7.86 -14.66
N ARG C 69 -0.40 8.11 -15.86
CA ARG C 69 0.30 7.75 -17.08
C ARG C 69 1.60 8.53 -17.22
N VAL C 70 1.57 9.84 -16.94
CA VAL C 70 2.77 10.66 -17.05
C VAL C 70 3.82 10.22 -16.04
N VAL C 71 3.41 10.08 -14.78
CA VAL C 71 4.39 9.80 -13.72
C VAL C 71 4.91 8.38 -13.82
N ASN C 72 4.07 7.43 -14.26
CA ASN C 72 4.61 6.09 -14.49
C ASN C 72 5.60 6.08 -15.64
N GLY C 73 5.44 7.00 -16.61
CA GLY C 73 6.49 7.20 -17.59
C GLY C 73 7.81 7.56 -16.95
N LEU C 74 7.78 8.36 -15.87
CA LEU C 74 8.99 8.65 -15.12
C LEU C 74 9.48 7.40 -14.39
N ASP C 75 8.57 6.60 -13.84
CA ASP C 75 8.97 5.35 -13.20
C ASP C 75 9.69 4.44 -14.16
N VAL C 76 9.19 4.33 -15.39
CA VAL C 76 9.85 3.48 -16.40
C VAL C 76 11.25 4.00 -16.69
N ALA C 77 11.40 5.32 -16.83
CA ALA C 77 12.71 5.91 -17.12
C ALA C 77 13.64 5.82 -15.92
N ILE C 78 13.13 6.08 -14.71
CA ILE C 78 13.96 6.01 -13.51
C ILE C 78 14.55 4.62 -13.35
N ASN C 79 13.75 3.58 -13.58
CA ASN C 79 14.26 2.22 -13.44
C ASN C 79 15.14 1.78 -14.59
N MET C 80 15.22 2.57 -15.65
CA MET C 80 16.20 2.33 -16.71
C MET C 80 17.56 2.92 -16.41
N LEU C 81 17.70 3.62 -15.28
CA LEU C 81 18.96 4.30 -14.96
C LEU C 81 20.13 3.34 -14.81
N ASN C 82 19.88 2.06 -14.62
CA ASN C 82 20.95 1.06 -14.59
C ASN C 82 21.14 0.37 -15.92
N ASP C 83 20.49 0.85 -16.97
CA ASP C 83 20.75 0.40 -18.34
C ASP C 83 20.60 1.60 -19.27
N PRO C 84 21.56 2.53 -19.19
CA PRO C 84 21.40 3.81 -19.91
C PRO C 84 21.29 3.67 -21.42
N ALA C 85 21.81 2.60 -22.01
CA ALA C 85 21.61 2.38 -23.43
C ALA C 85 20.13 2.24 -23.76
N VAL C 86 19.38 1.56 -22.89
CA VAL C 86 17.93 1.46 -23.07
C VAL C 86 17.26 2.77 -22.72
N LEU C 87 17.75 3.45 -21.68
CA LEU C 87 17.19 4.75 -21.30
C LEU C 87 17.27 5.75 -22.45
N ASN C 88 18.40 5.77 -23.16
CA ASN C 88 18.55 6.71 -24.27
C ASN C 88 17.51 6.47 -25.35
N GLU C 89 17.24 5.19 -25.67
CA GLU C 89 16.19 4.87 -26.61
C GLU C 89 14.84 5.35 -26.10
N GLN C 90 14.57 5.18 -24.81
CA GLN C 90 13.26 5.56 -24.28
C GLN C 90 13.09 7.06 -24.25
N LEU C 91 14.13 7.80 -23.83
CA LEU C 91 14.03 9.26 -23.82
C LEU C 91 13.83 9.81 -25.23
N ALA C 92 14.52 9.23 -26.22
CA ALA C 92 14.28 9.63 -27.60
C ALA C 92 12.82 9.37 -27.98
N HIS C 93 12.29 8.20 -27.59
CA HIS C 93 10.89 7.88 -27.84
C HIS C 93 9.97 8.92 -27.19
N LEU C 94 10.25 9.28 -25.93
CA LEU C 94 9.43 10.28 -25.25
C LEU C 94 9.59 11.65 -25.88
N SER C 95 10.81 11.99 -26.31
CA SER C 95 11.04 13.27 -26.96
C SER C 95 10.19 13.41 -28.22
N ALA C 96 10.17 12.38 -29.06
CA ALA C 96 9.42 12.45 -30.31
C ALA C 96 7.92 12.60 -30.05
N GLN C 97 7.42 11.99 -28.99
CA GLN C 97 6.00 12.13 -28.66
C GLN C 97 5.69 13.56 -28.20
N HIS C 98 6.58 14.16 -27.42
CA HIS C 98 6.36 15.52 -26.93
C HIS C 98 6.63 16.57 -28.00
N GLN C 99 7.52 16.27 -28.96
CA GLN C 99 7.73 17.19 -30.07
C GLN C 99 6.46 17.33 -30.92
N ALA C 100 5.66 16.27 -31.00
CA ALA C 100 4.41 16.30 -31.75
C ALA C 100 3.25 16.90 -30.97
N ARG C 101 3.51 17.53 -29.83
CA ARG C 101 2.46 18.15 -29.02
C ARG C 101 2.65 19.66 -29.06
N ALA C 102 1.77 20.34 -29.79
CA ALA C 102 1.89 21.78 -29.94
C ALA C 102 1.87 22.47 -28.58
N GLY C 103 2.87 23.30 -28.33
CA GLY C 103 2.95 24.11 -27.14
C GLY C 103 3.91 23.62 -26.09
N VAL C 104 4.37 22.37 -26.19
CA VAL C 104 5.27 21.81 -25.19
C VAL C 104 6.67 22.37 -25.43
N ALA C 105 7.15 23.17 -24.49
CA ALA C 105 8.45 23.82 -24.57
C ALA C 105 9.40 23.23 -23.53
N ALA C 106 10.69 23.45 -23.75
CA ALA C 106 11.71 22.94 -22.83
C ALA C 106 11.57 23.56 -21.45
N ALA C 107 11.23 24.85 -21.38
CA ALA C 107 11.06 25.51 -20.08
C ALA C 107 9.95 24.89 -19.25
N HIS C 108 9.00 24.22 -19.90
CA HIS C 108 7.94 23.54 -19.15
C HIS C 108 8.52 22.44 -18.28
N PHE C 109 9.53 21.71 -18.79
CA PHE C 109 10.15 20.67 -18.00
C PHE C 109 10.89 21.23 -16.79
N ASP C 110 11.36 22.47 -16.87
CA ASP C 110 11.93 23.12 -15.69
C ASP C 110 10.86 23.31 -14.62
N VAL C 111 9.64 23.65 -15.02
CA VAL C 111 8.55 23.79 -14.06
C VAL C 111 8.14 22.42 -13.52
N MET C 112 8.20 21.39 -14.36
CA MET C 112 7.88 20.03 -13.91
C MET C 112 8.90 19.55 -12.89
N ALA C 113 10.18 19.90 -13.09
CA ALA C 113 11.19 19.57 -12.10
C ALA C 113 10.85 20.16 -10.74
N GLU C 114 10.44 21.44 -10.74
CA GLU C 114 10.04 22.08 -9.48
C GLU C 114 8.89 21.34 -8.83
N ALA C 115 7.93 20.87 -9.63
CA ALA C 115 6.76 20.20 -9.06
C ALA C 115 7.16 18.88 -8.39
N PHE C 116 8.02 18.09 -9.04
CA PHE C 116 8.53 16.89 -8.40
C PHE C 116 9.41 17.24 -7.21
N ALA C 117 10.20 18.30 -7.32
CA ALA C 117 11.04 18.75 -6.21
C ALA C 117 10.19 19.19 -5.03
N GLU C 118 8.97 19.65 -5.28
CA GLU C 118 8.08 20.04 -4.20
C GLU C 118 7.36 18.84 -3.60
N VAL C 119 6.92 17.90 -4.44
CA VAL C 119 6.07 16.82 -3.98
C VAL C 119 6.86 15.71 -3.31
N MET C 120 7.99 15.32 -3.88
CA MET C 120 8.69 14.13 -3.39
C MET C 120 9.15 14.23 -1.94
N PRO C 121 9.73 15.34 -1.46
CA PRO C 121 10.12 15.40 -0.05
C PRO C 121 8.97 15.20 0.91
N GLN C 122 7.74 15.53 0.50
CA GLN C 122 6.60 15.38 1.39
C GLN C 122 6.11 13.94 1.47
N VAL C 123 6.53 13.07 0.55
CA VAL C 123 5.90 11.76 0.41
C VAL C 123 6.89 10.63 0.67
N SER C 124 8.17 10.84 0.35
CA SER C 124 9.16 9.77 0.43
C SER C 124 9.89 9.87 1.76
N SER C 125 9.76 8.81 2.57
CA SER C 125 10.40 8.73 3.89
C SER C 125 11.82 9.26 3.87
N CYS C 126 12.71 8.58 3.16
CA CYS C 126 14.06 9.08 2.93
C CYS C 126 14.10 9.74 1.57
N PHE C 127 14.58 10.98 1.52
CA PHE C 127 14.64 11.67 0.24
C PHE C 127 15.87 12.56 0.19
N SER C 128 16.67 12.39 -0.84
CA SER C 128 17.84 13.24 -1.09
C SER C 128 17.52 14.09 -2.31
N SER C 129 17.15 15.35 -2.05
CA SER C 129 16.78 16.26 -3.13
C SER C 129 17.94 16.45 -4.11
N ASP C 130 19.16 16.43 -3.60
CA ASP C 130 20.32 16.68 -4.45
C ASP C 130 20.49 15.58 -5.49
N SER C 131 20.41 14.32 -5.05
CA SER C 131 20.49 13.21 -6.01
C SER C 131 19.29 13.22 -6.94
N TRP C 132 18.11 13.55 -6.43
CA TRP C 132 16.91 13.59 -7.26
C TRP C 132 17.04 14.65 -8.35
N ASN C 133 17.52 15.84 -7.99
CA ASN C 133 17.62 16.92 -8.96
C ASN C 133 18.51 16.51 -10.14
N ARG C 134 19.65 15.87 -9.86
CA ARG C 134 20.58 15.55 -10.93
C ARG C 134 20.06 14.44 -11.82
N CYS C 135 19.37 13.45 -11.23
CA CYS C 135 18.90 12.33 -12.03
C CYS C 135 17.58 12.64 -12.74
N PHE C 136 16.74 13.51 -12.18
CA PHE C 136 15.59 13.99 -12.93
C PHE C 136 16.05 14.80 -14.14
N ALA C 137 17.09 15.61 -13.96
CA ALA C 137 17.61 16.40 -15.07
C ALA C 137 18.16 15.49 -16.17
N ARG C 138 18.84 14.41 -15.79
CA ARG C 138 19.35 13.48 -16.79
C ARG C 138 18.23 12.88 -17.62
N ILE C 139 17.06 12.70 -17.02
CA ILE C 139 15.92 12.14 -17.75
C ILE C 139 15.17 13.25 -18.49
N ALA C 140 14.89 14.35 -17.80
CA ALA C 140 14.11 15.42 -18.40
C ALA C 140 14.83 16.08 -19.57
N ASN C 141 16.16 16.23 -19.47
CA ASN C 141 16.90 16.78 -20.59
C ASN C 141 16.85 15.88 -21.80
N GLY C 142 16.77 14.56 -21.59
CA GLY C 142 16.62 13.66 -22.71
C GLY C 142 15.26 13.78 -23.39
N ILE C 143 14.21 14.03 -22.61
CA ILE C 143 12.88 14.20 -23.19
C ILE C 143 12.78 15.56 -23.86
N SER C 144 13.19 16.62 -23.16
CA SER C 144 13.01 17.99 -23.64
C SER C 144 13.96 18.36 -24.76
N ALA C 145 14.89 17.48 -25.14
CA ALA C 145 15.76 17.77 -26.27
C ALA C 145 14.94 17.84 -27.55
N GLY C 146 15.16 18.88 -28.34
CA GLY C 146 14.40 19.09 -29.55
C GLY C 146 13.43 20.23 -29.46
N LEU C 147 12.82 20.41 -28.29
CA LEU C 147 11.87 21.49 -28.07
C LEU C 147 12.43 22.53 -27.09
N GLU D 1 3.24 -27.72 21.87
CA GLU D 1 2.08 -26.95 22.31
C GLU D 1 1.19 -26.56 21.13
N CYS D 2 -0.02 -26.11 21.43
CA CYS D 2 -0.92 -25.59 20.42
C CYS D 2 -0.59 -24.12 20.19
N CYS D 3 -0.37 -23.78 18.92
CA CYS D 3 0.27 -22.53 18.54
C CYS D 3 1.63 -22.44 19.22
N SER D 4 2.58 -23.21 18.72
CA SER D 4 3.95 -23.18 19.22
C SER D 4 4.64 -21.89 18.80
N ARG D 5 5.86 -21.70 19.30
CA ARG D 5 6.64 -20.54 18.89
C ARG D 5 6.87 -20.54 17.39
N GLY D 6 7.18 -21.72 16.82
CA GLY D 6 7.31 -21.83 15.37
C GLY D 6 6.02 -21.48 14.64
N ASP D 7 4.88 -22.00 15.13
CA ASP D 7 3.60 -21.66 14.53
C ASP D 7 3.34 -20.16 14.62
N ALA D 8 3.52 -19.59 15.81
CA ALA D 8 3.27 -18.17 16.02
C ALA D 8 4.14 -17.31 15.11
N GLU D 9 5.42 -17.67 14.97
CA GLU D 9 6.32 -16.83 14.19
C GLU D 9 5.92 -16.76 12.73
N VAL D 10 5.46 -17.87 12.15
CA VAL D 10 5.09 -17.86 10.74
C VAL D 10 3.73 -17.16 10.55
N VAL D 11 2.81 -17.36 11.50
CA VAL D 11 1.53 -16.66 11.44
C VAL D 11 1.75 -15.15 11.50
N ILE D 12 2.56 -14.70 12.45
CA ILE D 12 2.86 -13.28 12.59
C ILE D 12 3.46 -12.74 11.29
N SER D 13 4.46 -13.46 10.76
CA SER D 13 5.12 -13.01 9.54
C SER D 13 4.16 -12.89 8.38
N GLU D 14 3.30 -13.91 8.20
CA GLU D 14 2.36 -13.88 7.08
C GLU D 14 1.28 -12.83 7.28
N TRP D 15 0.80 -12.68 8.53
CA TRP D 15 -0.24 -11.69 8.79
C TRP D 15 0.25 -10.27 8.51
N ASP D 16 1.42 -9.92 9.05
CA ASP D 16 1.95 -8.57 8.87
C ASP D 16 2.35 -8.30 7.43
N GLN D 17 2.68 -9.33 6.66
CA GLN D 17 2.88 -9.16 5.23
C GLN D 17 1.58 -8.74 4.55
N VAL D 18 0.46 -9.35 4.96
CA VAL D 18 -0.86 -9.07 4.42
C VAL D 18 -1.50 -7.82 5.03
N PHE D 19 -1.08 -7.43 6.22
CA PHE D 19 -1.84 -6.46 7.02
C PHE D 19 -0.86 -5.62 7.83
N ASN D 20 -0.64 -4.37 7.41
CA ASN D 20 0.23 -3.47 8.15
C ASN D 20 -0.09 -2.02 7.77
N ALA D 21 0.40 -1.09 8.59
CA ALA D 21 0.04 0.32 8.47
C ALA D 21 0.53 0.96 7.18
N ALA D 22 1.53 0.38 6.51
CA ALA D 22 2.02 0.98 5.27
C ALA D 22 1.05 0.76 4.12
N MET D 23 0.12 -0.17 4.27
CA MET D 23 -0.86 -0.42 3.22
C MET D 23 -1.95 0.65 3.24
N ALA D 24 -2.62 0.79 2.11
CA ALA D 24 -3.72 1.74 2.02
C ALA D 24 -4.85 1.33 2.95
N GLY D 25 -5.52 2.33 3.51
CA GLY D 25 -6.69 2.06 4.33
C GLY D 25 -7.76 1.30 3.56
N SER D 26 -7.92 1.61 2.27
CA SER D 26 -8.90 0.90 1.45
C SER D 26 -8.55 -0.58 1.31
N SER D 27 -7.26 -0.90 1.21
CA SER D 27 -6.86 -2.30 1.10
C SER D 27 -7.15 -3.06 2.39
N GLU D 28 -6.85 -2.45 3.55
CA GLU D 28 -7.13 -3.10 4.82
C GLU D 28 -8.61 -3.24 5.06
N SER D 29 -9.40 -2.23 4.66
CA SER D 29 -10.85 -2.35 4.75
C SER D 29 -11.38 -3.46 3.85
N ALA D 30 -10.80 -3.58 2.65
CA ALA D 30 -11.27 -4.62 1.73
C ALA D 30 -11.04 -6.01 2.32
N ILE D 31 -9.94 -6.18 3.07
CA ILE D 31 -9.66 -7.46 3.71
C ILE D 31 -10.60 -7.67 4.90
N GLY D 32 -10.74 -6.65 5.75
CA GLY D 32 -11.64 -6.77 6.88
C GLY D 32 -13.08 -6.98 6.46
N VAL D 33 -13.52 -6.29 5.41
CA VAL D 33 -14.87 -6.52 4.89
C VAL D 33 -15.01 -7.95 4.40
N ALA D 34 -14.02 -8.45 3.67
CA ALA D 34 -14.07 -9.84 3.21
C ALA D 34 -14.11 -10.81 4.38
N ILE D 35 -13.35 -10.52 5.44
CA ILE D 35 -13.39 -11.34 6.64
C ILE D 35 -14.78 -11.32 7.26
N PHE D 36 -15.40 -10.15 7.32
CA PHE D 36 -16.74 -10.05 7.90
C PHE D 36 -17.79 -10.72 7.01
N ASP D 37 -17.62 -10.66 5.69
CA ASP D 37 -18.52 -11.39 4.80
C ASP D 37 -18.51 -12.87 5.10
N VAL D 38 -17.31 -13.47 5.15
CA VAL D 38 -17.20 -14.89 5.46
C VAL D 38 -17.79 -15.19 6.84
N PHE D 39 -17.51 -14.32 7.81
CA PHE D 39 -18.01 -14.54 9.17
C PHE D 39 -19.53 -14.51 9.21
N PHE D 40 -20.13 -13.52 8.54
CA PHE D 40 -21.59 -13.43 8.51
C PHE D 40 -22.22 -14.70 7.97
N THR D 41 -21.66 -15.27 6.90
CA THR D 41 -22.27 -16.44 6.28
C THR D 41 -22.03 -17.70 7.10
N SER D 42 -20.85 -17.86 7.69
CA SER D 42 -20.56 -19.07 8.45
C SER D 42 -21.22 -19.07 9.82
N SER D 43 -21.45 -17.89 10.41
CA SER D 43 -21.95 -17.79 11.76
C SER D 43 -23.44 -17.51 11.85
N GLY D 44 -24.03 -16.89 10.82
CA GLY D 44 -25.43 -16.51 10.90
C GLY D 44 -25.71 -15.33 11.78
N VAL D 45 -24.67 -14.63 12.24
CA VAL D 45 -24.85 -13.50 13.15
C VAL D 45 -25.42 -12.31 12.37
N SER D 46 -26.34 -11.59 12.99
CA SER D 46 -27.00 -10.49 12.32
C SER D 46 -26.04 -9.32 12.14
N PRO D 47 -25.88 -8.81 10.92
CA PRO D 47 -25.03 -7.62 10.72
C PRO D 47 -25.50 -6.40 11.49
N SER D 48 -26.80 -6.31 11.81
CA SER D 48 -27.30 -5.18 12.58
C SER D 48 -26.75 -5.15 13.99
N MET D 49 -26.10 -6.25 14.44
CA MET D 49 -25.43 -6.24 15.72
C MET D 49 -24.23 -5.29 15.75
N PHE D 50 -23.76 -4.86 14.58
CA PHE D 50 -22.57 -4.05 14.50
C PHE D 50 -22.91 -2.62 14.08
N PRO D 51 -22.17 -1.63 14.59
CA PRO D 51 -22.35 -0.26 14.10
C PRO D 51 -22.14 -0.21 12.59
N GLY D 52 -23.04 0.51 11.91
CA GLY D 52 -23.06 0.54 10.47
C GLY D 52 -23.83 -0.59 9.82
N GLY D 53 -24.21 -1.62 10.58
CA GLY D 53 -25.08 -2.66 10.07
C GLY D 53 -24.48 -3.51 8.98
N GLY D 54 -23.16 -3.62 8.93
CA GLY D 54 -22.50 -4.45 7.93
C GLY D 54 -22.38 -3.82 6.56
N ASP D 55 -22.88 -2.61 6.37
CA ASP D 55 -22.78 -1.92 5.09
C ASP D 55 -21.34 -1.46 4.86
N SER D 56 -20.67 -2.06 3.87
CA SER D 56 -19.29 -1.72 3.57
C SER D 56 -19.12 -0.29 3.06
N SER D 57 -20.21 0.39 2.70
CA SER D 57 -20.15 1.80 2.32
C SER D 57 -20.36 2.74 3.50
N SER D 58 -20.68 2.22 4.68
CA SER D 58 -20.86 3.05 5.88
C SER D 58 -19.53 3.22 6.60
N ALA D 59 -19.15 4.47 6.85
CA ALA D 59 -17.89 4.72 7.56
C ALA D 59 -17.94 4.17 8.98
N GLU D 60 -19.13 4.08 9.58
CA GLU D 60 -19.26 3.55 10.93
CA GLU D 60 -19.23 3.56 10.93
C GLU D 60 -18.92 2.06 10.97
N PHE D 61 -19.30 1.32 9.93
CA PHE D 61 -19.01 -0.10 9.91
C PHE D 61 -17.56 -0.38 9.53
N LEU D 62 -16.99 0.43 8.63
CA LEU D 62 -15.58 0.25 8.28
C LEU D 62 -14.69 0.54 9.48
N ALA D 63 -15.05 1.54 10.29
CA ALA D 63 -14.32 1.79 11.53
C ALA D 63 -14.53 0.67 12.54
N GLN D 64 -15.72 0.08 12.58
CA GLN D 64 -15.95 -1.07 13.44
C GLN D 64 -15.14 -2.27 12.97
N VAL D 65 -15.05 -2.47 11.65
CA VAL D 65 -14.22 -3.54 11.11
C VAL D 65 -12.75 -3.30 11.45
N SER D 66 -12.30 -2.05 11.35
CA SER D 66 -10.93 -1.73 11.69
C SER D 66 -10.62 -2.05 13.15
N ARG D 67 -11.57 -1.76 14.05
CA ARG D 67 -11.34 -2.04 15.46
C ARG D 67 -11.22 -3.54 15.72
N VAL D 68 -12.06 -4.34 15.06
CA VAL D 68 -12.07 -5.78 15.34
C VAL D 68 -10.83 -6.44 14.77
N ILE D 69 -10.46 -6.12 13.53
CA ILE D 69 -9.25 -6.70 12.96
C ILE D 69 -8.01 -6.20 13.69
N SER D 70 -8.05 -4.97 14.21
CA SER D 70 -6.92 -4.48 15.00
C SER D 70 -6.75 -5.29 16.27
N GLY D 71 -7.85 -5.61 16.95
CA GLY D 71 -7.75 -6.46 18.12
C GLY D 71 -7.13 -7.82 17.80
N ALA D 72 -7.51 -8.39 16.65
CA ALA D 72 -6.90 -9.64 16.20
C ALA D 72 -5.43 -9.43 15.86
N ASP D 73 -5.11 -8.29 15.23
CA ASP D 73 -3.72 -7.98 14.91
C ASP D 73 -2.87 -7.88 16.17
N ILE D 74 -3.38 -7.18 17.19
CA ILE D 74 -2.63 -7.03 18.44
C ILE D 74 -2.42 -8.39 19.09
N ALA D 75 -3.42 -9.26 19.06
CA ALA D 75 -3.25 -10.59 19.64
C ALA D 75 -2.29 -11.43 18.81
N ILE D 76 -2.41 -11.37 17.48
CA ILE D 76 -1.53 -12.16 16.61
C ILE D 76 -0.08 -11.79 16.85
N ASN D 77 0.23 -10.49 16.84
CA ASN D 77 1.62 -10.07 17.04
C ASN D 77 2.13 -10.35 18.45
N SER D 78 1.27 -10.76 19.37
CA SER D 78 1.68 -11.12 20.72
C SER D 78 1.73 -12.63 20.92
N LEU D 79 1.61 -13.42 19.85
CA LEU D 79 1.52 -14.87 19.98
C LEU D 79 2.82 -15.49 20.50
N THR D 80 3.95 -14.80 20.39
CA THR D 80 5.21 -15.33 20.91
C THR D 80 5.42 -15.07 22.40
N ASN D 81 4.57 -14.25 23.02
CA ASN D 81 4.62 -14.01 24.46
C ASN D 81 3.26 -14.43 25.01
N ARG D 82 3.14 -15.69 25.42
CA ARG D 82 1.86 -16.23 25.86
C ARG D 82 1.28 -15.46 27.04
N ALA D 83 2.14 -15.04 27.98
CA ALA D 83 1.65 -14.30 29.14
C ALA D 83 1.01 -12.98 28.72
N THR D 84 1.70 -12.21 27.88
CA THR D 84 1.11 -10.98 27.35
C THR D 84 -0.14 -11.28 26.53
N CYS D 85 -0.09 -12.32 25.69
CA CYS D 85 -1.23 -12.61 24.81
C CYS D 85 -2.44 -13.07 25.62
N ASP D 86 -2.22 -13.89 26.64
CA ASP D 86 -3.32 -14.29 27.53
C ASP D 86 -3.98 -13.07 28.16
N SER D 87 -3.19 -12.10 28.60
CA SER D 87 -3.75 -10.88 29.18
C SER D 87 -4.58 -10.12 28.14
N LEU D 88 -4.09 -10.01 26.91
CA LEU D 88 -4.85 -9.36 25.84
C LEU D 88 -6.17 -10.09 25.59
N LEU D 89 -6.11 -11.42 25.50
CA LEU D 89 -7.34 -12.19 25.24
C LEU D 89 -8.30 -12.09 26.42
N SER D 90 -7.79 -12.04 27.65
CA SER D 90 -8.66 -11.91 28.81
C SER D 90 -9.41 -10.57 28.78
N HIS D 91 -8.71 -9.50 28.42
CA HIS D 91 -9.35 -8.19 28.28
C HIS D 91 -10.45 -8.26 27.22
N LEU D 92 -10.13 -8.81 26.04
CA LEU D 92 -11.13 -8.97 24.99
C LEU D 92 -12.28 -9.84 25.45
N ASN D 93 -11.99 -10.90 26.21
CA ASN D 93 -13.03 -11.78 26.71
C ASN D 93 -14.00 -11.02 27.61
N ALA D 94 -13.46 -10.20 28.53
CA ALA D 94 -14.32 -9.44 29.43
C ALA D 94 -15.14 -8.42 28.66
N GLN D 95 -14.56 -7.80 27.63
CA GLN D 95 -15.30 -6.83 26.83
C GLN D 95 -16.48 -7.49 26.12
N HIS D 96 -16.32 -8.74 25.69
CA HIS D 96 -17.38 -9.42 24.95
C HIS D 96 -18.38 -10.13 25.86
N LYS D 97 -18.02 -10.40 27.11
CA LYS D 97 -19.04 -10.84 28.07
C LYS D 97 -20.12 -9.78 28.24
N ALA D 98 -19.77 -8.50 28.10
CA ALA D 98 -20.70 -7.40 28.25
C ALA D 98 -21.47 -7.08 26.97
N ILE D 99 -21.39 -7.94 25.95
CA ILE D 99 -22.10 -7.75 24.70
C ILE D 99 -23.11 -8.88 24.55
N SER D 100 -24.40 -8.53 24.53
CA SER D 100 -25.43 -9.52 24.27
C SER D 100 -25.30 -10.05 22.85
N GLY D 101 -25.19 -11.37 22.73
CA GLY D 101 -25.17 -12.03 21.43
C GLY D 101 -23.85 -12.61 21.02
N VAL D 102 -22.78 -12.37 21.77
CA VAL D 102 -21.46 -12.91 21.42
C VAL D 102 -21.34 -14.30 22.04
N THR D 103 -21.31 -15.31 21.18
CA THR D 103 -21.15 -16.70 21.60
C THR D 103 -19.74 -17.17 21.31
N GLY D 104 -19.36 -18.27 21.96
CA GLY D 104 -18.07 -18.88 21.68
C GLY D 104 -17.98 -19.42 20.28
N ALA D 105 -19.09 -19.93 19.75
CA ALA D 105 -19.13 -20.42 18.37
C ALA D 105 -18.92 -19.29 17.38
N ALA D 106 -19.58 -18.14 17.60
CA ALA D 106 -19.41 -17.01 16.69
C ALA D 106 -17.97 -16.51 16.71
N VAL D 107 -17.35 -16.44 17.88
CA VAL D 107 -15.97 -16.00 17.99
C VAL D 107 -15.07 -16.93 17.18
N THR D 108 -15.29 -18.24 17.29
CA THR D 108 -14.55 -19.19 16.48
C THR D 108 -14.77 -18.93 14.99
N HIS D 109 -16.02 -18.68 14.58
CA HIS D 109 -16.29 -18.40 13.17
C HIS D 109 -15.50 -17.19 12.68
N LEU D 110 -15.43 -16.13 13.49
CA LEU D 110 -14.72 -14.95 13.04
C LEU D 110 -13.22 -15.21 12.95
N SER D 111 -12.67 -15.94 13.93
CA SER D 111 -11.25 -16.26 13.87
C SER D 111 -10.93 -17.17 12.68
N GLU D 112 -11.86 -18.06 12.33
CA GLU D 112 -11.68 -18.89 11.15
C GLU D 112 -11.86 -18.10 9.86
N ALA D 113 -12.73 -17.09 9.87
CA ALA D 113 -12.84 -16.20 8.71
C ALA D 113 -11.53 -15.46 8.47
N ILE D 114 -10.82 -15.11 9.55
CA ILE D 114 -9.52 -14.46 9.42
C ILE D 114 -8.55 -15.36 8.70
N SER D 115 -8.45 -16.62 9.13
CA SER D 115 -7.52 -17.57 8.51
C SER D 115 -7.85 -17.81 7.05
N SER D 116 -9.14 -17.97 6.74
CA SER D 116 -9.51 -18.32 5.37
C SER D 116 -9.24 -17.17 4.40
N VAL D 117 -9.53 -15.93 4.81
CA VAL D 117 -9.25 -14.79 3.94
C VAL D 117 -7.76 -14.61 3.77
N VAL D 118 -6.98 -14.80 4.83
CA VAL D 118 -5.52 -14.68 4.72
C VAL D 118 -4.99 -15.65 3.67
N ALA D 119 -5.47 -16.89 3.68
CA ALA D 119 -5.01 -17.87 2.71
C ALA D 119 -5.54 -17.57 1.30
N GLN D 120 -6.57 -16.73 1.18
CA GLN D 120 -7.01 -16.29 -0.14
C GLN D 120 -6.08 -15.21 -0.69
N VAL D 121 -5.69 -14.25 0.14
CA VAL D 121 -4.76 -13.21 -0.31
C VAL D 121 -3.31 -13.68 -0.27
N LEU D 122 -3.01 -14.72 0.51
CA LEU D 122 -1.66 -15.27 0.59
C LEU D 122 -1.78 -16.78 0.52
N PRO D 123 -1.87 -17.33 -0.69
CA PRO D 123 -2.17 -18.77 -0.83
C PRO D 123 -1.11 -19.69 -0.26
N SER D 124 0.11 -19.19 -0.05
CA SER D 124 1.16 -19.98 0.55
C SER D 124 1.11 -20.00 2.08
N ALA D 125 0.02 -19.53 2.66
CA ALA D 125 -0.08 -19.43 4.12
C ALA D 125 -0.02 -20.80 4.76
N HIS D 126 0.58 -20.85 5.94
CA HIS D 126 0.68 -22.10 6.72
C HIS D 126 -0.66 -22.27 7.44
N ILE D 127 -1.61 -22.88 6.75
CA ILE D 127 -2.99 -22.90 7.22
C ILE D 127 -3.17 -23.76 8.48
N ASP D 128 -2.29 -24.74 8.69
CA ASP D 128 -2.34 -25.49 9.95
C ASP D 128 -1.91 -24.59 11.11
N ALA D 129 -0.78 -23.90 10.98
CA ALA D 129 -0.35 -22.99 12.03
C ALA D 129 -1.39 -21.90 12.26
N TRP D 130 -2.05 -21.45 11.19
CA TRP D 130 -3.12 -20.47 11.33
C TRP D 130 -4.30 -21.03 12.12
N GLY D 131 -4.70 -22.26 11.83
CA GLY D 131 -5.80 -22.86 12.57
C GLY D 131 -5.49 -23.01 14.04
N TYR D 132 -4.27 -23.47 14.35
CA TYR D 132 -3.89 -23.70 15.74
C TYR D 132 -3.80 -22.39 16.52
N CYS D 133 -3.24 -21.35 15.91
CA CYS D 133 -3.07 -20.09 16.62
C CYS D 133 -4.37 -19.31 16.73
N MET D 134 -5.17 -19.29 15.65
CA MET D 134 -6.46 -18.60 15.75
C MET D 134 -7.41 -19.34 16.69
N ALA D 135 -7.26 -20.66 16.83
CA ALA D 135 -8.06 -21.39 17.80
C ALA D 135 -7.66 -21.03 19.22
N TYR D 136 -6.36 -20.82 19.46
CA TYR D 136 -5.92 -20.33 20.76
C TYR D 136 -6.49 -18.94 21.05
N ILE D 137 -6.42 -18.05 20.05
CA ILE D 137 -6.99 -16.71 20.21
C ILE D 137 -8.50 -16.79 20.42
N ALA D 138 -9.19 -17.65 19.67
CA ALA D 138 -10.63 -17.77 19.80
C ALA D 138 -11.02 -18.34 21.17
N ALA D 139 -10.28 -19.34 21.66
CA ALA D 139 -10.59 -19.91 22.96
C ALA D 139 -10.48 -18.88 24.07
N GLY D 140 -9.49 -17.99 23.97
CA GLY D 140 -9.32 -16.98 25.00
C GLY D 140 -10.39 -15.91 24.94
N ILE D 141 -10.75 -15.47 23.74
CA ILE D 141 -11.77 -14.43 23.58
C ILE D 141 -13.14 -14.96 23.98
N GLY D 142 -13.43 -16.22 23.66
CA GLY D 142 -14.75 -16.78 23.91
C GLY D 142 -14.87 -17.63 25.16
N ALA D 143 -13.95 -17.46 26.11
CA ALA D 143 -14.01 -18.21 27.36
C ALA D 143 -15.31 -17.89 28.09
N GLY D 144 -16.09 -18.94 28.37
CA GLY D 144 -17.37 -18.78 29.04
C GLY D 144 -18.50 -18.27 28.17
N LEU D 145 -18.27 -18.09 26.87
CA LEU D 145 -19.30 -17.58 25.97
C LEU D 145 -19.74 -18.68 25.01
CHA HEM E . -7.25 3.12 27.32
CHB HEM E . -6.12 4.45 22.78
CHC HEM E . -4.16 8.61 24.35
CHD HEM E . -5.10 7.20 28.91
C1A HEM E . -7.08 3.09 25.95
C2A HEM E . -7.39 1.98 25.05
C3A HEM E . -7.08 2.36 23.82
C4A HEM E . -6.55 3.71 23.86
CMA HEM E . -7.24 1.49 22.55
CAA HEM E . -7.97 0.59 25.41
CBA HEM E . -9.34 0.68 26.08
CGA HEM E . -9.79 -0.71 26.42
O1A HEM E . -10.33 -0.90 27.55
O2A HEM E . -9.58 -1.64 25.61
C1B HEM E . -5.46 5.66 22.80
C2B HEM E . -4.84 6.30 21.67
C3B HEM E . -4.30 7.45 22.07
C4B HEM E . -4.54 7.58 23.50
CMB HEM E . -4.82 5.76 20.23
CAB HEM E . -3.54 8.42 21.11
CBB HEM E . -3.04 9.59 21.51
C1C HEM E . -4.18 8.56 25.73
C2C HEM E . -3.53 9.49 26.64
C3C HEM E . -3.80 9.09 27.90
C4C HEM E . -4.62 7.91 27.82
CMC HEM E . -2.69 10.70 26.17
CAC HEM E . -3.35 9.70 29.25
CBC HEM E . -2.32 10.54 29.39
C1D HEM E . -5.79 6.01 28.87
C2D HEM E . -6.35 5.33 30.02
C3D HEM E . -6.94 4.20 29.59
C4D HEM E . -6.78 4.13 28.15
CMD HEM E . -6.28 5.84 31.48
CAD HEM E . -7.68 3.16 30.46
CBD HEM E . -6.72 2.37 31.33
CGD HEM E . -7.52 1.46 32.21
O1D HEM E . -8.29 0.62 31.67
O2D HEM E . -7.38 1.55 33.45
NA HEM E . -6.57 4.13 25.18
NB HEM E . -5.25 6.47 23.91
NC HEM E . -4.83 7.61 26.49
ND HEM E . -6.07 5.26 27.75
FE HEM E . -5.78 5.97 25.85
O1 OXY F . -4.23 5.18 26.33
O2 OXY F . -3.18 5.34 26.90
CHA HEM G . 3.33 -0.82 -28.00
CHB HEM G . 1.11 -1.69 -23.77
CHC HEM G . -0.17 -6.09 -25.36
CHD HEM G . 1.63 -5.03 -29.74
C1A HEM G . 2.89 -0.70 -26.71
C2A HEM G . 3.19 0.40 -25.80
C3A HEM G . 2.58 0.16 -24.64
C4A HEM G . 1.87 -1.10 -24.77
CMA HEM G . 2.61 1.05 -23.39
CAA HEM G . 4.05 1.65 -26.08
CBA HEM G . 3.42 2.53 -27.15
CGA HEM G . 4.27 3.75 -27.35
O1A HEM G . 4.34 4.60 -26.42
O2A HEM G . 4.89 3.87 -28.44
C1B HEM G . 0.62 -2.98 -23.81
C2B HEM G . 0.02 -3.68 -22.69
C3B HEM G . -0.33 -4.90 -23.12
C4B HEM G . 0.03 -5.00 -24.53
CMB HEM G . -0.12 -3.06 -21.28
CAB HEM G . -1.01 -6.06 -22.34
CBB HEM G . -1.50 -5.97 -21.10
C1C HEM G . 0.22 -6.21 -26.68
C2C HEM G . 0.09 -7.38 -27.52
C3C HEM G . 0.59 -7.10 -28.74
C4C HEM G . 1.06 -5.73 -28.70
CMC HEM G . -0.53 -8.70 -27.03
CAC HEM G . 0.70 -7.98 -30.01
CBC HEM G . 0.48 -9.31 -30.05
C1D HEM G . 2.22 -3.79 -29.67
C2D HEM G . 2.82 -3.06 -30.76
C3D HEM G . 3.29 -1.90 -30.27
C4D HEM G . 3.01 -1.86 -28.86
CMD HEM G . 2.89 -3.54 -32.23
CAD HEM G . 4.00 -0.79 -31.07
CBD HEM G . 5.45 -1.18 -31.36
CGD HEM G . 6.13 0.00 -31.99
O1D HEM G . 6.49 0.95 -31.24
O2D HEM G . 6.31 -0.02 -33.22
NA HEM G . 2.08 -1.60 -26.04
NB HEM G . 0.61 -3.80 -24.90
NC HEM G . 0.81 -5.22 -27.44
ND HEM G . 2.36 -3.03 -28.52
FE HEM G . 1.26 -3.35 -26.82
O1 OXY H . 2.77 -4.32 -26.79
O2 OXY H . 3.66 -4.99 -27.26
CHA HEM I . 1.65 12.99 -22.35
CHB HEM I . 5.67 11.53 -20.06
CHC HEM I . 6.68 16.14 -18.89
CHD HEM I . 3.02 17.59 -21.75
C1A HEM I . 2.58 12.16 -21.77
C2A HEM I . 2.52 10.72 -21.59
C3A HEM I . 3.63 10.34 -20.96
C4A HEM I . 4.45 11.51 -20.70
CMA HEM I . 3.97 8.89 -20.58
CAA HEM I . 1.41 9.72 -22.03
CBA HEM I . 0.66 10.08 -23.30
CGA HEM I . 1.01 9.12 -24.40
O1A HEM I . 2.22 8.76 -24.51
O2A HEM I . 0.09 8.72 -25.16
C1B HEM I . 6.27 12.65 -19.51
C2B HEM I . 7.43 12.64 -18.63
C3B HEM I . 7.71 13.92 -18.30
C4B HEM I . 6.74 14.76 -18.96
CMB HEM I . 8.14 11.33 -18.20
CAB HEM I . 8.83 14.49 -17.40
CBB HEM I . 9.84 13.78 -16.88
C1C HEM I . 5.77 16.94 -19.55
C2C HEM I . 5.65 18.38 -19.45
C3C HEM I . 4.65 18.79 -20.26
C4C HEM I . 4.08 17.60 -20.86
CMC HEM I . 6.58 19.26 -18.58
CAC HEM I . 4.08 20.20 -20.52
CBC HEM I . 4.11 21.19 -19.60
C1D HEM I . 2.32 16.48 -22.13
C2D HEM I . 1.07 16.48 -22.88
C3D HEM I . 0.70 15.21 -23.05
C4D HEM I . 1.68 14.36 -22.41
CMD HEM I . 0.34 17.74 -23.40
CAD HEM I . -0.55 14.71 -23.80
CBD HEM I . -1.80 14.76 -22.92
CGD HEM I . -2.92 14.09 -23.67
O1D HEM I . -3.82 14.80 -24.17
O2D HEM I . -2.91 12.83 -23.77
NA HEM I . 3.77 12.61 -21.21
NB HEM I . 5.88 13.95 -19.68
NC HEM I . 4.78 16.50 -20.42
ND HEM I . 2.65 15.17 -21.86
FE HEM I . 4.38 14.56 -20.94
O1 OXY J . 3.18 14.82 -19.62
O2 OXY J . 2.54 15.66 -19.03
CHA HEM K . -16.17 -4.71 19.43
CHB HEM K . -12.40 -7.74 18.93
CHC HEM K . -15.41 -11.32 17.65
CHD HEM K . -19.19 -8.40 18.52
C1A HEM K . -14.89 -5.20 19.35
C2A HEM K . -13.67 -4.42 19.50
C3A HEM K . -12.63 -5.26 19.36
C4A HEM K . -13.15 -6.60 19.12
CMA HEM K . -11.14 -4.88 19.42
CAA HEM K . -13.63 -2.90 19.74
CBA HEM K . -13.26 -2.53 21.17
CGA HEM K . -13.50 -1.05 21.36
O1A HEM K . -12.65 -0.37 21.99
O2A HEM K . -14.54 -0.54 20.86
C1B HEM K . -12.88 -8.94 18.45
C2B HEM K . -12.08 -10.04 17.94
C3B HEM K . -12.92 -11.04 17.59
C4B HEM K . -14.27 -10.59 17.87
CMB HEM K . -10.53 -9.99 17.84
CAB HEM K . -12.64 -12.44 16.98
CBB HEM K . -11.44 -12.89 16.61
C1C HEM K . -16.70 -10.85 17.78
C2C HEM K . -17.91 -11.60 17.50
C3C HEM K . -18.96 -10.78 17.73
C4C HEM K . -18.43 -9.51 18.18
CMC HEM K . -17.91 -13.06 17.01
CAC HEM K . -20.48 -11.07 17.61
CBC HEM K . -21.01 -12.29 17.54
C1D HEM K . -18.70 -7.13 18.74
C2D HEM K . -19.48 -5.91 18.77
C3D HEM K . -18.66 -4.89 19.03
C4D HEM K . -17.32 -5.42 19.17
CMD HEM K . -21.01 -5.82 18.54
CAD HEM K . -19.06 -3.40 19.14
CBD HEM K . -18.99 -2.93 20.58
CGD HEM K . -19.17 -1.44 20.64
O1D HEM K . -18.98 -0.85 21.74
O2D HEM K . -19.48 -0.84 19.58
NA HEM K . -14.53 -6.52 19.13
NB HEM K . -14.20 -9.32 18.40
NC HEM K . -17.06 -9.58 18.18
ND HEM K . -17.39 -6.80 19.00
FE HEM K . -15.79 -8.13 18.85
O1 OXY L . -16.26 -7.81 17.14
O2 OXY L . -16.54 -8.31 16.09
#